data_1KFG
#
_entry.id   1KFG
#
_cell.length_a   57.040
_cell.length_b   57.730
_cell.length_c   86.630
_cell.angle_alpha   93.86
_cell.angle_beta   100.83
_cell.angle_gamma   99.54
#
_symmetry.space_group_name_H-M   'P 1'
#
loop_
_entity.id
_entity.type
_entity.pdbx_description
1 polymer 'ENDOGLUCANASE G'
2 branched 4-thio-beta-D-glucopyranose-(1-4)-beta-D-glucopyranose-(1-4)-4-thio-beta-D-glucopyranose-(1-4)-1-thio-beta-D-glucopyranose
3 non-polymer 'CALCIUM ION'
4 non-polymer 'MAGNESIUM ION'
5 non-polymer 2-AMINO-2-HYDROXYMETHYL-PROPANE-1,3-DIOL
6 non-polymer GLYCEROL
7 non-polymer 'NICKEL (II) ION'
8 water water
#
_entity_poly.entity_id   1
_entity_poly.type   'polypeptide(L)'
_entity_poly.pdbx_seq_one_letter_code
;AGTYNYGEALQKSIMFYEFQRSGDLPADKRDNWRDDSGMKDGSDVGVDLTGGWYDAGDHVKFNLPMSYTSAMLAWSLYED
KDAYDKSGQTKYIMDGIKWANDYFIKCNPTPGVYYYQVGDGGKDHSWWGPAEVMQMERPSFKVDASKPGSAVCASTAASL
ASAAVVFKSSDPTYAEKCISHAKNLFDMADKAKSDAGYTAASGYYSSSSFYDDLSWAAVWLYLATNDSTYLDKAESYVPN
WGKEQQTDIIAYKWGQCWDDVHYGAELLLAKLTNKQLYKDSIEMNLDFWTTGVNGTRVSYTPKGLAWLFQWGSLRHATTQ
AFLAGVYAEWEGCTPSKVSVYKDFLKSQIDYALGSTGRSFVVGYGVNPPQHPHHRTAHGSWTDQMTSPTYHRHTIYGALV
GGPDNADGYTDEINNYVNNEIACDYNAGFTGALAKMYKHSGGDPIPNFKAIEKITNDEVIIKAGLNSTGPNYTEIKAVVY
NQTGWPARVTDKISFKYFMDLSEIVAAGIDPLSLVTSSNYSEGKNTKVSGVLPWDVSNNVYYVNVDLTGENIYPGGQSAC
RREVQFRIAAPQGTTYWNPKNDFSYDGLPTTSTVNTVTNIPVYDNGVKVFGNEP
;
_entity_poly.pdbx_strand_id   A,B
#
loop_
_chem_comp.id
_chem_comp.type
_chem_comp.name
_chem_comp.formula
BGC D-saccharide, beta linking beta-D-glucopyranose 'C6 H12 O6'
CA non-polymer 'CALCIUM ION' 'Ca 2'
GOL non-polymer GLYCEROL 'C3 H8 O3'
GS1 D-saccharide, beta linking 1-thio-beta-D-glucopyranose 'C6 H12 O5 S'
MG non-polymer 'MAGNESIUM ION' 'Mg 2'
NI non-polymer 'NICKEL (II) ION' 'Ni 2'
SGC D-saccharide, beta linking 4-thio-beta-D-glucopyranose 'C6 H12 O5 S'
TRS non-polymer 2-AMINO-2-HYDROXYMETHYL-PROPANE-1,3-DIOL 'C4 H12 N O3 1'
#
# COMPACT_ATOMS: atom_id res chain seq x y z
N THR A 3 20.98 9.31 -27.83
CA THR A 3 20.99 8.83 -26.41
C THR A 3 19.57 8.85 -25.83
N TYR A 4 18.78 9.83 -26.24
CA TYR A 4 17.40 9.96 -25.77
C TYR A 4 16.46 10.12 -26.97
N ASN A 5 15.19 9.84 -26.76
CA ASN A 5 14.23 9.97 -27.84
C ASN A 5 13.81 11.44 -27.91
N TYR A 6 14.47 12.21 -28.77
CA TYR A 6 14.18 13.63 -28.92
C TYR A 6 12.82 13.89 -29.57
N GLY A 7 12.36 12.98 -30.42
CA GLY A 7 11.09 13.18 -31.09
C GLY A 7 9.93 13.12 -30.10
N GLU A 8 9.97 12.15 -29.21
CA GLU A 8 8.93 11.98 -28.20
C GLU A 8 8.97 13.19 -27.25
N ALA A 9 10.17 13.62 -26.90
CA ALA A 9 10.32 14.77 -26.02
C ALA A 9 9.68 15.99 -26.69
N LEU A 10 10.01 16.19 -27.97
CA LEU A 10 9.46 17.32 -28.72
C LEU A 10 7.94 17.26 -28.76
N GLN A 11 7.42 16.08 -29.06
CA GLN A 11 5.99 15.86 -29.13
C GLN A 11 5.30 16.24 -27.82
N LYS A 12 5.83 15.76 -26.70
CA LYS A 12 5.24 16.05 -25.40
C LYS A 12 5.41 17.51 -24.97
N SER A 13 6.54 18.13 -25.32
CA SER A 13 6.77 19.52 -24.97
C SER A 13 5.69 20.42 -25.62
N ILE A 14 5.33 20.09 -26.86
CA ILE A 14 4.30 20.85 -27.56
C ILE A 14 2.97 20.59 -26.87
N MET A 15 2.70 19.32 -26.56
CA MET A 15 1.45 18.96 -25.92
C MET A 15 1.25 19.67 -24.60
N PHE A 16 2.34 19.96 -23.91
CA PHE A 16 2.29 20.67 -22.62
C PHE A 16 1.37 21.89 -22.67
N TYR A 17 1.54 22.68 -23.72
CA TYR A 17 0.76 23.89 -23.89
C TYR A 17 -0.74 23.63 -24.01
N GLU A 18 -1.11 22.50 -24.61
CA GLU A 18 -2.51 22.15 -24.76
C GLU A 18 -3.17 22.02 -23.37
N PHE A 19 -2.41 21.53 -22.39
CA PHE A 19 -2.93 21.38 -21.02
C PHE A 19 -3.01 22.72 -20.30
N GLN A 20 -2.35 23.74 -20.85
CA GLN A 20 -2.35 25.08 -20.27
C GLN A 20 -3.49 25.94 -20.83
N ARG A 21 -4.14 25.46 -21.88
CA ARG A 21 -5.21 26.23 -22.52
C ARG A 21 -6.38 26.66 -21.66
N SER A 22 -6.73 27.93 -21.81
CA SER A 22 -7.87 28.51 -21.12
C SER A 22 -8.94 28.76 -22.19
N GLY A 23 -10.19 28.86 -21.79
CA GLY A 23 -11.25 29.14 -22.75
C GLY A 23 -12.05 27.96 -23.26
N ASP A 24 -12.71 28.18 -24.40
CA ASP A 24 -13.56 27.18 -25.06
C ASP A 24 -12.67 26.21 -25.83
N LEU A 25 -12.44 25.04 -25.26
CA LEU A 25 -11.56 24.03 -25.87
C LEU A 25 -12.14 23.31 -27.09
N PRO A 26 -11.29 23.07 -28.10
CA PRO A 26 -11.71 22.40 -29.33
C PRO A 26 -12.20 20.96 -29.15
N ALA A 27 -13.09 20.57 -30.05
CA ALA A 27 -13.66 19.25 -30.06
C ALA A 27 -12.60 18.23 -30.45
N ASP A 28 -11.55 18.69 -31.14
CA ASP A 28 -10.46 17.80 -31.55
C ASP A 28 -9.46 17.57 -30.41
N LYS A 29 -9.84 17.97 -29.20
CA LYS A 29 -9.02 17.86 -27.99
C LYS A 29 -8.56 16.40 -27.75
N ARG A 30 -7.27 16.20 -27.49
CA ARG A 30 -6.76 14.85 -27.26
C ARG A 30 -6.50 14.49 -25.79
N ASP A 31 -7.36 14.98 -24.91
CA ASP A 31 -7.25 14.67 -23.49
C ASP A 31 -8.66 14.60 -22.95
N ASN A 32 -8.85 13.98 -21.79
CA ASN A 32 -10.19 13.90 -21.23
C ASN A 32 -10.21 14.51 -19.84
N TRP A 33 -9.24 15.37 -19.54
CA TRP A 33 -9.22 15.99 -18.22
C TRP A 33 -9.19 17.52 -18.17
N ARG A 34 -9.16 18.17 -19.32
CA ARG A 34 -9.22 19.63 -19.39
C ARG A 34 -10.53 19.96 -20.09
N ASP A 35 -11.20 21.03 -19.68
CA ASP A 35 -12.45 21.41 -20.33
C ASP A 35 -12.56 22.93 -20.32
N ASP A 36 -13.72 23.44 -20.73
CA ASP A 36 -13.93 24.88 -20.78
C ASP A 36 -13.64 25.51 -19.43
N SER A 37 -12.99 26.66 -19.46
CA SER A 37 -12.65 27.39 -18.24
C SER A 37 -12.34 28.84 -18.61
N GLY A 38 -12.43 29.73 -17.62
CA GLY A 38 -12.17 31.14 -17.87
C GLY A 38 -13.14 31.63 -18.93
N MET A 39 -14.32 31.01 -18.96
CA MET A 39 -15.33 31.34 -19.96
C MET A 39 -15.94 32.73 -19.88
N LYS A 40 -15.74 33.43 -18.77
CA LYS A 40 -16.29 34.78 -18.64
C LYS A 40 -15.16 35.82 -18.70
N ASP A 41 -13.97 35.37 -19.06
CA ASP A 41 -12.83 36.27 -19.15
C ASP A 41 -13.13 37.45 -20.06
N GLY A 42 -13.01 38.66 -19.51
CA GLY A 42 -13.28 39.88 -20.26
C GLY A 42 -14.67 40.46 -20.04
N SER A 43 -15.57 39.68 -19.43
CA SER A 43 -16.95 40.13 -19.21
C SER A 43 -17.04 41.40 -18.40
N ASP A 44 -16.02 41.67 -17.58
CA ASP A 44 -16.00 42.87 -16.77
C ASP A 44 -15.79 44.12 -17.61
N VAL A 45 -15.18 43.98 -18.79
CA VAL A 45 -14.96 45.12 -19.68
C VAL A 45 -15.76 45.02 -20.99
N GLY A 46 -16.64 44.02 -21.06
CA GLY A 46 -17.47 43.83 -22.23
C GLY A 46 -16.74 43.36 -23.48
N VAL A 47 -15.64 42.64 -23.29
CA VAL A 47 -14.86 42.12 -24.41
C VAL A 47 -14.62 40.63 -24.26
N ASP A 48 -14.73 39.89 -25.36
CA ASP A 48 -14.46 38.46 -25.29
C ASP A 48 -12.95 38.29 -25.24
N LEU A 49 -12.44 37.98 -24.05
CA LEU A 49 -11.01 37.78 -23.87
C LEU A 49 -10.71 36.33 -23.52
N THR A 50 -11.61 35.42 -23.90
CA THR A 50 -11.40 34.00 -23.61
C THR A 50 -10.27 33.43 -24.46
N GLY A 51 -9.62 32.39 -23.95
CA GLY A 51 -8.54 31.78 -24.69
C GLY A 51 -7.19 32.00 -24.05
N GLY A 52 -6.13 31.79 -24.83
CA GLY A 52 -4.78 31.95 -24.32
C GLY A 52 -4.36 30.80 -23.43
N TRP A 53 -3.19 30.93 -22.81
CA TRP A 53 -2.67 29.89 -21.92
C TRP A 53 -2.53 30.38 -20.49
N TYR A 54 -2.87 29.52 -19.54
CA TYR A 54 -2.65 29.85 -18.14
C TYR A 54 -1.13 29.87 -18.05
N ASP A 55 -0.57 30.80 -17.29
CA ASP A 55 0.88 30.92 -17.22
C ASP A 55 1.71 29.75 -16.66
N ALA A 56 1.41 29.31 -15.45
CA ALA A 56 2.21 28.25 -14.84
C ALA A 56 1.34 27.22 -14.15
N GLY A 57 1.49 27.09 -12.84
CA GLY A 57 0.66 26.15 -12.10
C GLY A 57 -0.58 26.87 -11.58
N ASP A 58 -0.79 28.09 -12.10
CA ASP A 58 -1.91 28.93 -11.70
C ASP A 58 -2.85 29.17 -12.88
N HIS A 59 -3.79 30.09 -12.73
CA HIS A 59 -4.74 30.35 -13.79
C HIS A 59 -4.79 31.80 -14.24
N VAL A 60 -3.75 32.57 -13.90
CA VAL A 60 -3.72 33.94 -14.36
C VAL A 60 -3.18 33.86 -15.78
N LYS A 61 -3.62 34.80 -16.61
CA LYS A 61 -3.15 34.90 -17.98
C LYS A 61 -2.28 36.16 -17.97
N PHE A 62 -0.97 35.92 -17.96
CA PHE A 62 0.04 36.99 -17.95
C PHE A 62 0.58 37.12 -19.36
N ASN A 63 0.11 38.13 -20.09
CA ASN A 63 0.52 38.28 -21.49
C ASN A 63 2.00 38.46 -21.81
N LEU A 64 2.81 38.97 -20.89
CA LEU A 64 4.22 39.13 -21.22
C LEU A 64 4.91 37.76 -21.41
N PRO A 65 4.85 36.87 -20.41
CA PRO A 65 5.51 35.58 -20.63
C PRO A 65 4.73 34.75 -21.66
N MET A 66 3.43 34.98 -21.75
CA MET A 66 2.63 34.23 -22.72
C MET A 66 3.06 34.53 -24.14
N SER A 67 3.24 35.82 -24.46
CA SER A 67 3.65 36.23 -25.81
C SER A 67 5.13 35.90 -26.07
N TYR A 68 5.94 35.92 -25.01
CA TYR A 68 7.34 35.55 -25.16
C TYR A 68 7.36 34.08 -25.63
N THR A 69 6.53 33.27 -24.98
CA THR A 69 6.45 31.85 -25.30
C THR A 69 6.07 31.58 -26.74
N SER A 70 4.93 32.14 -27.18
CA SER A 70 4.50 31.90 -28.57
C SER A 70 5.48 32.45 -29.59
N ALA A 71 6.13 33.57 -29.27
CA ALA A 71 7.12 34.15 -30.17
C ALA A 71 8.28 33.16 -30.31
N MET A 72 8.72 32.56 -29.20
CA MET A 72 9.81 31.59 -29.23
C MET A 72 9.41 30.30 -29.97
N LEU A 73 8.17 29.87 -29.81
CA LEU A 73 7.72 28.66 -30.50
C LEU A 73 7.70 28.94 -32.00
N ALA A 74 7.21 30.11 -32.39
CA ALA A 74 7.18 30.46 -33.81
C ALA A 74 8.60 30.57 -34.36
N TRP A 75 9.52 31.09 -33.55
CA TRP A 75 10.91 31.20 -33.99
C TRP A 75 11.45 29.80 -34.30
N SER A 76 11.10 28.82 -33.49
CA SER A 76 11.55 27.45 -33.71
C SER A 76 10.99 26.91 -35.02
N LEU A 77 9.69 27.12 -35.24
CA LEU A 77 9.06 26.63 -36.46
C LEU A 77 9.67 27.32 -37.69
N TYR A 78 10.06 28.58 -37.52
CA TYR A 78 10.70 29.33 -38.60
C TYR A 78 12.08 28.75 -38.90
N GLU A 79 12.81 28.43 -37.85
CA GLU A 79 14.16 27.89 -38.01
C GLU A 79 14.22 26.43 -38.44
N ASP A 80 13.31 25.62 -37.93
CA ASP A 80 13.35 24.19 -38.21
C ASP A 80 12.07 23.51 -38.65
N LYS A 81 11.37 24.12 -39.61
CA LYS A 81 10.13 23.53 -40.10
C LYS A 81 10.35 22.07 -40.52
N ASP A 82 11.51 21.77 -41.11
CA ASP A 82 11.79 20.40 -41.53
C ASP A 82 11.75 19.38 -40.38
N ALA A 83 12.12 19.81 -39.18
CA ALA A 83 12.09 18.91 -38.02
C ALA A 83 10.64 18.63 -37.63
N TYR A 84 9.82 19.66 -37.66
CA TYR A 84 8.41 19.52 -37.32
C TYR A 84 7.67 18.64 -38.34
N ASP A 85 7.91 18.90 -39.62
CA ASP A 85 7.26 18.09 -40.67
C ASP A 85 7.61 16.59 -40.54
N LYS A 86 8.90 16.29 -40.45
CA LYS A 86 9.36 14.91 -40.34
C LYS A 86 8.87 14.20 -39.08
N SER A 87 8.75 14.91 -37.97
CA SER A 87 8.28 14.31 -36.72
C SER A 87 6.75 14.27 -36.71
N GLY A 88 6.15 14.92 -37.70
CA GLY A 88 4.70 14.96 -37.82
C GLY A 88 4.03 15.78 -36.73
N GLN A 89 4.77 16.73 -36.17
CA GLN A 89 4.24 17.58 -35.10
C GLN A 89 3.85 18.99 -35.54
N THR A 90 4.08 19.31 -36.81
CA THR A 90 3.79 20.63 -37.36
C THR A 90 2.38 21.14 -37.02
N LYS A 91 1.38 20.29 -37.23
CA LYS A 91 0.02 20.67 -36.94
C LYS A 91 -0.14 21.14 -35.51
N TYR A 92 0.43 20.37 -34.58
CA TYR A 92 0.33 20.66 -33.15
C TYR A 92 1.00 21.95 -32.70
N ILE A 93 2.21 22.23 -33.15
CA ILE A 93 2.85 23.47 -32.74
C ILE A 93 2.15 24.68 -33.40
N MET A 94 1.65 24.49 -34.62
CA MET A 94 0.95 25.59 -35.26
C MET A 94 -0.35 25.89 -34.52
N ASP A 95 -1.06 24.84 -34.08
CA ASP A 95 -2.30 25.04 -33.34
C ASP A 95 -2.00 25.80 -32.05
N GLY A 96 -0.87 25.46 -31.41
CA GLY A 96 -0.49 26.16 -30.18
C GLY A 96 -0.20 27.63 -30.43
N ILE A 97 0.62 27.90 -31.43
CA ILE A 97 0.97 29.27 -31.78
C ILE A 97 -0.30 30.07 -32.08
N LYS A 98 -1.23 29.46 -32.81
CA LYS A 98 -2.47 30.15 -33.14
C LYS A 98 -3.36 30.34 -31.91
N TRP A 99 -3.33 29.39 -30.98
CA TRP A 99 -4.14 29.52 -29.76
C TRP A 99 -3.76 30.78 -28.98
N ALA A 100 -2.46 31.01 -28.84
CA ALA A 100 -2.01 32.19 -28.10
C ALA A 100 -2.29 33.45 -28.89
N ASN A 101 -1.93 33.44 -30.16
CA ASN A 101 -2.13 34.63 -30.97
C ASN A 101 -3.58 35.01 -31.25
N ASP A 102 -4.48 34.04 -31.31
CA ASP A 102 -5.90 34.40 -31.50
C ASP A 102 -6.32 35.18 -30.26
N TYR A 103 -5.77 34.81 -29.11
CA TYR A 103 -6.09 35.49 -27.86
C TYR A 103 -5.50 36.90 -27.85
N PHE A 104 -4.26 37.06 -28.28
CA PHE A 104 -3.67 38.41 -28.30
C PHE A 104 -4.49 39.31 -29.23
N ILE A 105 -4.98 38.75 -30.32
CA ILE A 105 -5.80 39.53 -31.25
C ILE A 105 -7.04 40.02 -30.51
N LYS A 106 -7.70 39.11 -29.78
CA LYS A 106 -8.87 39.51 -29.01
C LYS A 106 -8.52 40.60 -28.01
N CYS A 107 -7.31 40.57 -27.47
CA CYS A 107 -6.87 41.56 -26.49
C CYS A 107 -6.62 42.96 -27.06
N ASN A 108 -6.67 43.07 -28.38
CA ASN A 108 -6.46 44.35 -29.07
C ASN A 108 -7.79 44.64 -29.81
N PRO A 109 -8.90 44.81 -29.06
CA PRO A 109 -10.24 45.07 -29.61
C PRO A 109 -10.43 46.31 -30.47
N THR A 110 -9.64 47.33 -30.21
CA THR A 110 -9.75 48.58 -30.96
C THR A 110 -8.35 49.18 -30.98
N PRO A 111 -8.02 49.95 -32.03
CA PRO A 111 -6.68 50.56 -32.12
C PRO A 111 -6.27 51.36 -30.89
N GLY A 112 -5.06 51.09 -30.38
CA GLY A 112 -4.57 51.81 -29.23
C GLY A 112 -4.97 51.26 -27.87
N VAL A 113 -5.69 50.14 -27.85
CA VAL A 113 -6.11 49.52 -26.60
C VAL A 113 -5.63 48.08 -26.54
N TYR A 114 -4.98 47.72 -25.44
CA TYR A 114 -4.46 46.36 -25.28
C TYR A 114 -4.66 45.82 -23.87
N TYR A 115 -5.40 44.72 -23.76
CA TYR A 115 -5.60 44.06 -22.47
C TYR A 115 -4.42 43.12 -22.33
N TYR A 116 -3.65 43.32 -21.26
CA TYR A 116 -2.44 42.55 -21.04
C TYR A 116 -2.50 41.51 -19.94
N GLN A 117 -3.68 41.35 -19.34
CA GLN A 117 -3.81 40.37 -18.27
C GLN A 117 -5.25 40.08 -17.94
N VAL A 118 -5.52 38.83 -17.61
CA VAL A 118 -6.85 38.44 -17.15
C VAL A 118 -6.61 37.62 -15.90
N GLY A 119 -7.12 38.12 -14.78
CA GLY A 119 -6.94 37.42 -13.53
C GLY A 119 -6.09 38.23 -12.57
N ASP A 120 -6.31 38.04 -11.27
CA ASP A 120 -5.55 38.73 -10.25
C ASP A 120 -4.66 37.72 -9.53
N GLY A 121 -3.35 37.97 -9.56
CA GLY A 121 -2.41 37.07 -8.92
C GLY A 121 -2.79 36.70 -7.50
N GLY A 122 -3.09 37.71 -6.69
CA GLY A 122 -3.47 37.51 -5.30
C GLY A 122 -4.66 36.57 -5.11
N LYS A 123 -5.78 36.90 -5.75
CA LYS A 123 -6.99 36.07 -5.65
C LYS A 123 -6.82 34.72 -6.34
N ASP A 124 -6.18 34.70 -7.51
CA ASP A 124 -6.00 33.43 -8.22
C ASP A 124 -5.17 32.42 -7.44
N HIS A 125 -4.09 32.89 -6.84
CA HIS A 125 -3.19 32.01 -6.09
C HIS A 125 -3.68 31.59 -4.70
N SER A 126 -4.69 32.27 -4.19
CA SER A 126 -5.23 31.96 -2.86
C SER A 126 -6.11 30.71 -2.83
N TRP A 127 -6.39 30.13 -4.00
CA TRP A 127 -7.25 28.95 -4.10
C TRP A 127 -6.50 27.84 -4.84
N TRP A 128 -6.61 26.61 -4.34
CA TRP A 128 -5.92 25.50 -4.97
C TRP A 128 -6.90 24.46 -5.52
N GLY A 129 -7.20 24.57 -6.81
CA GLY A 129 -8.13 23.66 -7.44
C GLY A 129 -8.06 23.73 -8.95
N PRO A 130 -8.85 22.91 -9.66
CA PRO A 130 -8.84 22.90 -11.13
C PRO A 130 -9.48 24.11 -11.79
N ALA A 131 -8.87 24.52 -12.90
CA ALA A 131 -9.33 25.67 -13.68
C ALA A 131 -10.81 25.69 -14.04
N GLU A 132 -11.34 24.52 -14.38
CA GLU A 132 -12.74 24.39 -14.77
C GLU A 132 -13.76 24.89 -13.76
N VAL A 133 -13.42 24.91 -12.47
CA VAL A 133 -14.38 25.36 -11.47
C VAL A 133 -14.00 26.59 -10.63
N MET A 134 -13.10 27.41 -11.16
CA MET A 134 -12.69 28.64 -10.47
C MET A 134 -13.93 29.46 -10.14
N GLN A 135 -14.01 29.94 -8.90
CA GLN A 135 -15.15 30.71 -8.46
C GLN A 135 -14.85 32.20 -8.25
N MET A 136 -13.57 32.55 -8.18
CA MET A 136 -13.19 33.94 -7.92
C MET A 136 -13.29 34.87 -9.13
N GLU A 137 -13.34 36.17 -8.84
CA GLU A 137 -13.41 37.18 -9.90
C GLU A 137 -12.08 37.16 -10.64
N ARG A 138 -12.12 37.41 -11.94
CA ARG A 138 -10.93 37.42 -12.79
C ARG A 138 -10.94 38.73 -13.60
N PRO A 139 -10.47 39.83 -12.99
CA PRO A 139 -10.46 41.11 -13.70
C PRO A 139 -9.50 41.20 -14.86
N SER A 140 -9.89 42.03 -15.84
CA SER A 140 -9.12 42.31 -17.05
C SER A 140 -8.35 43.60 -16.81
N PHE A 141 -7.15 43.71 -17.38
CA PHE A 141 -6.33 44.90 -17.20
C PHE A 141 -5.83 45.35 -18.56
N LYS A 142 -5.80 46.66 -18.81
CA LYS A 142 -5.35 47.16 -20.11
C LYS A 142 -4.36 48.31 -20.06
N VAL A 143 -3.65 48.50 -21.16
CA VAL A 143 -2.73 49.61 -21.28
C VAL A 143 -3.21 50.39 -22.51
N ASP A 144 -2.85 51.67 -22.57
CA ASP A 144 -3.21 52.52 -23.69
C ASP A 144 -2.26 53.70 -23.66
N ALA A 145 -2.52 54.73 -24.45
CA ALA A 145 -1.62 55.87 -24.48
C ALA A 145 -1.39 56.51 -23.11
N SER A 146 -2.45 56.63 -22.30
CA SER A 146 -2.32 57.25 -20.98
C SER A 146 -1.66 56.37 -19.92
N LYS A 147 -1.71 55.05 -20.13
CA LYS A 147 -1.10 54.08 -19.20
C LYS A 147 -0.43 53.06 -20.10
N PRO A 148 0.86 53.29 -20.41
CA PRO A 148 1.64 52.41 -21.28
C PRO A 148 2.24 51.12 -20.73
N GLY A 149 2.47 50.19 -21.65
CA GLY A 149 3.08 48.90 -21.36
C GLY A 149 3.88 48.53 -22.60
N SER A 150 4.99 49.24 -22.82
CA SER A 150 5.85 49.00 -23.99
C SER A 150 6.37 47.58 -24.09
N ALA A 151 6.84 47.02 -22.98
CA ALA A 151 7.37 45.66 -23.03
C ALA A 151 6.28 44.64 -23.38
N VAL A 152 5.13 44.69 -22.71
CA VAL A 152 4.11 43.69 -23.02
C VAL A 152 3.50 43.89 -24.40
N CYS A 153 3.39 45.14 -24.82
CA CYS A 153 2.84 45.43 -26.16
C CYS A 153 3.79 44.96 -27.25
N ALA A 154 5.08 45.24 -27.08
CA ALA A 154 6.07 44.82 -28.07
C ALA A 154 6.26 43.30 -28.04
N SER A 155 6.23 42.71 -26.84
CA SER A 155 6.38 41.26 -26.76
C SER A 155 5.23 40.62 -27.54
N THR A 156 4.03 41.20 -27.41
CA THR A 156 2.89 40.66 -28.13
C THR A 156 3.02 40.92 -29.63
N ALA A 157 3.54 42.08 -30.00
CA ALA A 157 3.74 42.39 -31.42
C ALA A 157 4.71 41.36 -32.02
N ALA A 158 5.74 41.01 -31.26
CA ALA A 158 6.71 40.01 -31.73
C ALA A 158 6.05 38.66 -31.90
N SER A 159 5.18 38.29 -30.97
CA SER A 159 4.49 37.01 -31.09
C SER A 159 3.63 37.01 -32.34
N LEU A 160 2.86 38.07 -32.53
CA LEU A 160 1.97 38.16 -33.69
C LEU A 160 2.73 38.18 -35.02
N ALA A 161 3.81 38.95 -35.08
CA ALA A 161 4.62 39.06 -36.30
C ALA A 161 5.34 37.75 -36.64
N SER A 162 5.88 37.07 -35.62
CA SER A 162 6.56 35.80 -35.83
C SER A 162 5.52 34.76 -36.27
N ALA A 163 4.31 34.86 -35.73
CA ALA A 163 3.26 33.93 -36.13
C ALA A 163 2.97 34.16 -37.62
N ALA A 164 2.91 35.44 -38.03
CA ALA A 164 2.62 35.77 -39.43
C ALA A 164 3.67 35.16 -40.36
N VAL A 165 4.93 35.23 -39.95
CA VAL A 165 6.01 34.64 -40.75
C VAL A 165 5.78 33.15 -40.99
N VAL A 166 5.46 32.41 -39.93
CA VAL A 166 5.29 30.97 -40.11
C VAL A 166 3.92 30.49 -40.64
N PHE A 167 2.93 31.38 -40.62
CA PHE A 167 1.59 31.03 -41.13
C PHE A 167 1.36 31.55 -42.55
N LYS A 168 2.21 32.46 -43.01
CA LYS A 168 2.04 33.06 -44.33
C LYS A 168 1.84 32.08 -45.49
N SER A 169 2.63 31.02 -45.53
CA SER A 169 2.52 30.06 -46.61
C SER A 169 1.21 29.28 -46.64
N SER A 170 0.70 28.91 -45.46
CA SER A 170 -0.53 28.14 -45.41
C SER A 170 -1.80 28.93 -45.17
N ASP A 171 -1.69 30.07 -44.49
CA ASP A 171 -2.86 30.88 -44.18
C ASP A 171 -2.46 32.34 -44.28
N PRO A 172 -2.29 32.85 -45.52
CA PRO A 172 -1.90 34.24 -45.75
C PRO A 172 -2.83 35.29 -45.13
N THR A 173 -4.11 34.96 -45.05
CA THR A 173 -5.09 35.87 -44.47
C THR A 173 -4.85 36.02 -42.97
N TYR A 174 -4.59 34.90 -42.29
CA TYR A 174 -4.33 34.98 -40.85
C TYR A 174 -3.02 35.72 -40.63
N ALA A 175 -2.04 35.47 -41.50
CA ALA A 175 -0.76 36.13 -41.37
C ALA A 175 -0.97 37.63 -41.44
N GLU A 176 -1.83 38.07 -42.36
CA GLU A 176 -2.13 39.49 -42.50
C GLU A 176 -2.86 40.00 -41.25
N LYS A 177 -3.77 39.19 -40.71
CA LYS A 177 -4.51 39.57 -39.51
C LYS A 177 -3.50 39.82 -38.38
N CYS A 178 -2.59 38.86 -38.19
CA CYS A 178 -1.57 38.99 -37.16
C CYS A 178 -0.71 40.25 -37.37
N ILE A 179 -0.33 40.52 -38.61
CA ILE A 179 0.47 41.70 -38.89
C ILE A 179 -0.27 42.99 -38.55
N SER A 180 -1.54 43.06 -38.93
CA SER A 180 -2.33 44.27 -38.64
C SER A 180 -2.29 44.60 -37.15
N HIS A 181 -2.53 43.58 -36.34
CA HIS A 181 -2.53 43.78 -34.90
C HIS A 181 -1.12 44.00 -34.35
N ALA A 182 -0.14 43.30 -34.92
CA ALA A 182 1.25 43.45 -34.49
C ALA A 182 1.66 44.91 -34.68
N LYS A 183 1.31 45.48 -35.83
CA LYS A 183 1.66 46.86 -36.12
C LYS A 183 1.07 47.84 -35.14
N ASN A 184 -0.18 47.61 -34.73
CA ASN A 184 -0.82 48.52 -33.80
C ASN A 184 -0.17 48.46 -32.41
N LEU A 185 0.10 47.26 -31.93
CA LEU A 185 0.70 47.10 -30.62
C LEU A 185 2.13 47.64 -30.60
N PHE A 186 2.89 47.42 -31.68
CA PHE A 186 4.25 47.96 -31.72
C PHE A 186 4.20 49.49 -31.71
N ASP A 187 3.27 50.05 -32.47
CA ASP A 187 3.13 51.50 -32.50
C ASP A 187 2.87 52.00 -31.08
N MET A 188 1.97 51.33 -30.37
CA MET A 188 1.68 51.74 -29.01
C MET A 188 2.96 51.74 -28.19
N ALA A 189 3.71 50.65 -28.29
CA ALA A 189 4.93 50.49 -27.51
C ALA A 189 6.03 51.48 -27.87
N ASP A 190 6.21 51.69 -29.16
CA ASP A 190 7.24 52.58 -29.67
C ASP A 190 6.95 54.05 -29.33
N LYS A 191 5.69 54.45 -29.39
CA LYS A 191 5.35 55.84 -29.07
C LYS A 191 5.48 56.12 -27.58
N ALA A 192 5.12 55.15 -26.76
CA ALA A 192 5.17 55.33 -25.30
C ALA A 192 6.53 55.18 -24.62
N LYS A 193 7.31 54.18 -25.04
CA LYS A 193 8.61 53.90 -24.45
C LYS A 193 8.55 53.97 -22.93
N SER A 194 7.63 53.21 -22.37
CA SER A 194 7.43 53.17 -20.92
C SER A 194 6.62 51.96 -20.49
N ASP A 195 6.92 51.45 -19.29
CA ASP A 195 6.16 50.34 -18.75
C ASP A 195 5.33 50.86 -17.58
N ALA A 196 5.25 52.18 -17.45
CA ALA A 196 4.51 52.82 -16.34
C ALA A 196 3.09 52.34 -16.08
N GLY A 197 2.36 51.96 -17.12
CA GLY A 197 1.00 51.49 -16.91
C GLY A 197 0.85 49.98 -16.80
N TYR A 198 1.96 49.28 -16.92
CA TYR A 198 1.97 47.82 -16.84
C TYR A 198 2.19 47.49 -15.36
N THR A 199 1.10 47.41 -14.61
CA THR A 199 1.17 47.20 -13.17
C THR A 199 0.47 46.00 -12.56
N ALA A 200 -0.50 45.41 -13.25
CA ALA A 200 -1.25 44.28 -12.67
C ALA A 200 -0.44 43.01 -12.45
N ALA A 201 0.71 42.91 -13.11
CA ALA A 201 1.56 41.73 -12.96
C ALA A 201 2.64 41.96 -11.87
N SER A 202 2.53 43.05 -11.11
CA SER A 202 3.52 43.34 -10.07
C SER A 202 3.66 42.19 -9.08
N GLY A 203 4.91 41.76 -8.87
CA GLY A 203 5.18 40.67 -7.96
C GLY A 203 5.30 39.36 -8.71
N TYR A 204 4.87 39.34 -9.97
CA TYR A 204 4.93 38.12 -10.77
C TYR A 204 5.78 38.30 -12.00
N TYR A 205 5.42 39.27 -12.84
CA TYR A 205 6.15 39.53 -14.08
C TYR A 205 6.39 41.00 -14.32
N SER A 206 6.82 41.72 -13.28
CA SER A 206 7.11 43.13 -13.42
C SER A 206 8.23 43.21 -14.45
N SER A 207 8.15 44.18 -15.36
CA SER A 207 9.14 44.36 -16.41
C SER A 207 10.35 45.21 -16.00
N SER A 208 11.56 44.76 -16.31
CA SER A 208 12.75 45.54 -15.99
C SER A 208 13.42 46.14 -17.22
N SER A 209 12.78 45.98 -18.38
CA SER A 209 13.35 46.52 -19.63
C SER A 209 12.32 46.43 -20.76
N PHE A 210 12.36 47.40 -21.68
CA PHE A 210 11.45 47.37 -22.81
C PHE A 210 12.13 47.65 -24.15
N TYR A 211 13.35 48.19 -24.12
CA TYR A 211 14.05 48.47 -25.39
C TYR A 211 14.43 47.17 -26.06
N ASP A 212 14.61 46.14 -25.24
CA ASP A 212 14.93 44.84 -25.79
C ASP A 212 13.69 44.33 -26.54
N ASP A 213 12.52 44.51 -25.93
CA ASP A 213 11.28 44.07 -26.55
C ASP A 213 11.01 44.87 -27.83
N LEU A 214 11.35 46.16 -27.81
CA LEU A 214 11.15 46.98 -29.01
C LEU A 214 11.98 46.43 -30.18
N SER A 215 13.26 46.13 -29.94
CA SER A 215 14.12 45.58 -31.00
C SER A 215 13.61 44.20 -31.46
N TRP A 216 13.28 43.33 -30.54
CA TRP A 216 12.78 41.96 -30.77
C TRP A 216 11.51 42.03 -31.61
N ALA A 217 10.58 42.93 -31.26
CA ALA A 217 9.35 43.10 -32.04
C ALA A 217 9.66 43.67 -33.44
N ALA A 218 10.48 44.70 -33.49
CA ALA A 218 10.84 45.34 -34.76
C ALA A 218 11.48 44.33 -35.72
N VAL A 219 12.35 43.47 -35.20
CA VAL A 219 12.99 42.45 -36.02
C VAL A 219 11.94 41.51 -36.62
N TRP A 220 10.98 41.08 -35.80
CA TRP A 220 9.96 40.20 -36.31
C TRP A 220 9.01 40.91 -37.26
N LEU A 221 8.71 42.19 -37.00
CA LEU A 221 7.84 42.91 -37.91
C LEU A 221 8.53 43.05 -39.26
N TYR A 222 9.85 43.23 -39.24
CA TYR A 222 10.61 43.34 -40.49
C TYR A 222 10.53 42.03 -41.27
N LEU A 223 10.71 40.90 -40.58
CA LEU A 223 10.66 39.61 -41.25
C LEU A 223 9.25 39.34 -41.79
N ALA A 224 8.23 39.82 -41.07
CA ALA A 224 6.85 39.62 -41.50
C ALA A 224 6.41 40.55 -42.63
N THR A 225 6.92 41.78 -42.62
CA THR A 225 6.52 42.78 -43.62
C THR A 225 7.53 43.16 -44.70
N ASN A 226 8.81 42.90 -44.46
CA ASN A 226 9.88 43.24 -45.39
C ASN A 226 10.03 44.75 -45.53
N ASP A 227 9.45 45.47 -44.58
CA ASP A 227 9.50 46.93 -44.57
C ASP A 227 10.71 47.36 -43.74
N SER A 228 11.74 47.84 -44.44
CA SER A 228 12.99 48.30 -43.84
C SER A 228 12.82 49.26 -42.67
N THR A 229 11.66 49.91 -42.60
CA THR A 229 11.37 50.84 -41.53
C THR A 229 11.61 50.17 -40.18
N TYR A 230 11.17 48.91 -40.08
CA TYR A 230 11.31 48.17 -38.83
C TYR A 230 12.72 47.72 -38.52
N LEU A 231 13.51 47.39 -39.53
CA LEU A 231 14.88 46.97 -39.27
C LEU A 231 15.65 48.17 -38.71
N ASP A 232 15.42 49.35 -39.29
CA ASP A 232 16.09 50.56 -38.81
C ASP A 232 15.72 50.80 -37.35
N LYS A 233 14.44 50.66 -37.03
CA LYS A 233 14.01 50.85 -35.65
C LYS A 233 14.71 49.85 -34.72
N ALA A 234 14.69 48.58 -35.11
CA ALA A 234 15.34 47.52 -34.33
C ALA A 234 16.76 47.90 -33.94
N GLU A 235 17.53 48.36 -34.92
CA GLU A 235 18.90 48.75 -34.66
C GLU A 235 19.02 50.02 -33.84
N SER A 236 18.09 50.96 -34.00
CA SER A 236 18.13 52.22 -33.26
C SER A 236 18.06 52.05 -31.73
N TYR A 237 17.44 50.97 -31.27
CA TYR A 237 17.30 50.75 -29.83
C TYR A 237 18.52 50.11 -29.16
N VAL A 238 19.46 49.59 -29.95
CA VAL A 238 20.62 48.92 -29.37
C VAL A 238 21.41 49.73 -28.33
N PRO A 239 21.66 51.02 -28.59
CA PRO A 239 22.42 51.72 -27.54
C PRO A 239 21.64 51.87 -26.23
N ASN A 240 20.33 51.61 -26.29
CA ASN A 240 19.49 51.71 -25.11
C ASN A 240 19.38 50.38 -24.36
N TRP A 241 19.91 49.30 -24.93
CA TRP A 241 19.88 48.01 -24.25
C TRP A 241 20.79 48.08 -23.02
N GLY A 242 20.47 47.28 -22.01
CA GLY A 242 21.28 47.27 -20.81
C GLY A 242 22.70 46.83 -21.11
N LYS A 243 23.65 47.39 -20.37
CA LYS A 243 25.07 47.05 -20.57
C LYS A 243 25.59 46.30 -19.37
N GLU A 244 26.79 45.73 -19.52
CA GLU A 244 27.43 45.04 -18.42
C GLU A 244 27.97 46.16 -17.54
N GLN A 245 27.79 46.05 -16.23
CA GLN A 245 28.24 47.09 -15.31
C GLN A 245 29.64 47.63 -15.55
N GLN A 246 29.78 48.95 -15.46
CA GLN A 246 31.07 49.62 -15.64
C GLN A 246 31.72 49.49 -17.01
N THR A 247 30.95 48.99 -17.98
CA THR A 247 31.47 48.85 -19.32
C THR A 247 30.40 49.38 -20.25
N ASP A 248 30.76 49.63 -21.50
CA ASP A 248 29.80 50.10 -22.49
C ASP A 248 29.44 48.86 -23.30
N ILE A 249 29.67 47.70 -22.72
CA ILE A 249 29.41 46.43 -23.40
C ILE A 249 27.98 45.96 -23.19
N ILE A 250 27.33 45.60 -24.30
CA ILE A 250 25.96 45.10 -24.25
C ILE A 250 25.96 43.90 -23.32
N ALA A 251 25.01 43.86 -22.38
CA ALA A 251 24.92 42.75 -21.43
C ALA A 251 25.05 41.39 -22.10
N TYR A 252 25.82 40.50 -21.48
CA TYR A 252 26.02 39.18 -22.03
C TYR A 252 26.05 38.08 -20.98
N LYS A 253 25.87 38.44 -19.70
CA LYS A 253 25.94 37.45 -18.63
C LYS A 253 24.64 36.83 -18.15
N TRP A 254 23.56 37.08 -18.87
CA TRP A 254 22.27 36.50 -18.50
C TRP A 254 21.87 35.60 -19.68
N GLY A 255 20.58 35.47 -19.94
CA GLY A 255 20.15 34.65 -21.06
C GLY A 255 18.79 35.07 -21.58
N GLN A 256 18.44 34.57 -22.75
CA GLN A 256 17.14 34.87 -23.36
C GLN A 256 16.02 34.43 -22.41
N CYS A 257 15.06 35.32 -22.12
CA CYS A 257 13.94 34.97 -21.24
C CYS A 257 12.79 35.97 -21.40
N TRP A 258 11.68 35.71 -20.72
CA TRP A 258 10.50 36.58 -20.83
C TRP A 258 10.76 38.05 -20.55
N ASP A 259 11.71 38.34 -19.66
CA ASP A 259 12.01 39.71 -19.26
C ASP A 259 13.14 40.34 -20.05
N ASP A 260 13.93 39.53 -20.76
CA ASP A 260 15.07 40.04 -21.50
C ASP A 260 15.21 39.27 -22.81
N VAL A 261 14.82 39.91 -23.90
CA VAL A 261 14.90 39.28 -25.20
C VAL A 261 15.95 39.90 -26.11
N HIS A 262 16.88 40.68 -25.55
CA HIS A 262 17.89 41.28 -26.42
C HIS A 262 18.85 40.23 -26.98
N TYR A 263 18.90 39.08 -26.33
CA TYR A 263 19.77 37.99 -26.79
C TYR A 263 19.24 37.47 -28.12
N GLY A 264 17.94 37.19 -28.17
CA GLY A 264 17.33 36.71 -29.41
C GLY A 264 17.34 37.78 -30.48
N ALA A 265 17.12 39.03 -30.09
CA ALA A 265 17.13 40.15 -31.05
C ALA A 265 18.50 40.34 -31.71
N GLU A 266 19.58 40.28 -30.92
CA GLU A 266 20.91 40.48 -31.47
C GLU A 266 21.33 39.28 -32.33
N LEU A 267 20.86 38.08 -31.97
CA LEU A 267 21.17 36.88 -32.75
C LEU A 267 20.54 37.09 -34.14
N LEU A 268 19.27 37.47 -34.14
CA LEU A 268 18.58 37.69 -35.40
C LEU A 268 19.18 38.85 -36.19
N LEU A 269 19.53 39.94 -35.50
CA LEU A 269 20.13 41.09 -36.18
C LEU A 269 21.47 40.71 -36.82
N ALA A 270 22.20 39.79 -36.19
CA ALA A 270 23.48 39.35 -36.76
C ALA A 270 23.21 38.62 -38.08
N LYS A 271 22.25 37.70 -38.05
CA LYS A 271 21.94 36.95 -39.26
C LYS A 271 21.38 37.84 -40.36
N LEU A 272 20.58 38.84 -39.98
CA LEU A 272 19.98 39.74 -40.95
C LEU A 272 20.88 40.83 -41.52
N THR A 273 21.85 41.29 -40.74
CA THR A 273 22.73 42.39 -41.19
C THR A 273 24.20 42.02 -41.32
N ASN A 274 24.58 40.92 -40.66
CA ASN A 274 25.96 40.46 -40.65
C ASN A 274 26.91 41.48 -40.01
N LYS A 275 26.38 42.45 -39.29
CA LYS A 275 27.24 43.45 -38.65
C LYS A 275 28.02 42.84 -37.49
N GLN A 276 29.29 43.22 -37.38
CA GLN A 276 30.17 42.72 -36.33
C GLN A 276 29.64 42.95 -34.92
N LEU A 277 29.02 44.10 -34.69
CA LEU A 277 28.49 44.43 -33.37
C LEU A 277 27.62 43.29 -32.86
N TYR A 278 26.66 42.86 -33.68
CA TYR A 278 25.74 41.80 -33.27
C TYR A 278 26.41 40.44 -33.14
N LYS A 279 27.30 40.13 -34.07
CA LYS A 279 28.00 38.85 -34.01
C LYS A 279 28.82 38.76 -32.73
N ASP A 280 29.55 39.84 -32.41
CA ASP A 280 30.37 39.85 -31.21
C ASP A 280 29.52 39.72 -29.94
N SER A 281 28.38 40.41 -29.91
CA SER A 281 27.52 40.39 -28.75
C SER A 281 26.90 39.03 -28.45
N ILE A 282 26.34 38.37 -29.47
CA ILE A 282 25.72 37.08 -29.24
C ILE A 282 26.80 36.04 -28.92
N GLU A 283 27.95 36.13 -29.56
CA GLU A 283 29.03 35.18 -29.26
C GLU A 283 29.61 35.41 -27.86
N MET A 284 29.56 36.64 -27.36
CA MET A 284 30.07 36.88 -26.01
C MET A 284 29.12 36.18 -25.04
N ASN A 285 27.83 36.26 -25.32
CA ASN A 285 26.83 35.61 -24.47
C ASN A 285 27.03 34.09 -24.52
N LEU A 286 27.06 33.53 -25.74
CA LEU A 286 27.23 32.10 -25.88
C LEU A 286 28.57 31.61 -25.31
N ASP A 287 29.64 32.39 -25.48
CA ASP A 287 30.94 31.98 -24.94
C ASP A 287 30.90 31.97 -23.41
N PHE A 288 30.27 32.99 -22.83
CA PHE A 288 30.15 33.07 -21.37
C PHE A 288 29.47 31.81 -20.85
N TRP A 289 28.52 31.30 -21.63
CA TRP A 289 27.77 30.10 -21.27
C TRP A 289 28.47 28.78 -21.58
N THR A 290 29.57 28.82 -22.33
CA THR A 290 30.28 27.61 -22.71
C THR A 290 31.73 27.55 -22.26
N THR A 291 32.63 28.11 -23.05
CA THR A 291 34.05 28.12 -22.74
C THR A 291 34.37 29.15 -21.69
N GLY A 292 33.52 30.18 -21.61
CA GLY A 292 33.76 31.28 -20.70
C GLY A 292 34.38 32.36 -21.58
N VAL A 293 34.46 33.59 -21.09
CA VAL A 293 35.04 34.67 -21.87
C VAL A 293 35.58 35.75 -20.93
N ASN A 294 36.72 36.32 -21.29
CA ASN A 294 37.35 37.37 -20.50
C ASN A 294 37.39 37.00 -19.02
N GLY A 295 37.78 35.76 -18.75
CA GLY A 295 37.88 35.31 -17.36
C GLY A 295 36.59 35.07 -16.62
N THR A 296 35.45 35.23 -17.27
CA THR A 296 34.14 35.01 -16.63
C THR A 296 33.41 33.86 -17.33
N ARG A 297 32.58 33.13 -16.59
CA ARG A 297 31.84 32.00 -17.14
C ARG A 297 30.64 31.66 -16.26
N VAL A 298 29.52 31.25 -16.86
CA VAL A 298 28.35 30.87 -16.06
C VAL A 298 28.72 29.69 -15.16
N SER A 299 28.07 29.55 -14.01
CA SER A 299 28.37 28.42 -13.14
C SER A 299 27.88 27.12 -13.76
N TYR A 300 28.59 26.03 -13.49
CA TYR A 300 28.20 24.72 -13.97
C TYR A 300 28.07 23.84 -12.75
N THR A 301 27.09 22.95 -12.74
CA THR A 301 26.91 22.06 -11.60
C THR A 301 27.87 20.89 -11.83
N PRO A 302 28.17 20.13 -10.78
CA PRO A 302 29.09 19.01 -10.96
C PRO A 302 28.66 18.06 -12.09
N LYS A 303 27.35 17.91 -12.29
CA LYS A 303 26.86 17.01 -13.32
C LYS A 303 26.66 17.60 -14.73
N GLY A 304 27.15 18.82 -14.94
CA GLY A 304 27.09 19.41 -16.27
C GLY A 304 26.05 20.44 -16.63
N LEU A 305 25.23 20.85 -15.66
CA LEU A 305 24.21 21.85 -15.94
C LEU A 305 24.73 23.28 -15.87
N ALA A 306 24.61 24.03 -16.97
CA ALA A 306 25.01 25.42 -16.98
C ALA A 306 23.92 26.07 -16.10
N TRP A 307 24.32 26.52 -14.92
CA TRP A 307 23.40 27.07 -13.91
C TRP A 307 23.46 28.57 -13.76
N LEU A 308 22.40 29.24 -14.18
CA LEU A 308 22.36 30.70 -14.14
C LEU A 308 21.80 31.33 -12.88
N PHE A 309 20.77 30.75 -12.36
CA PHE A 309 19.96 31.37 -11.30
C PHE A 309 19.19 30.26 -10.58
N GLN A 310 18.76 30.48 -9.35
CA GLN A 310 18.01 29.47 -8.60
C GLN A 310 16.63 29.16 -9.20
N TRP A 311 15.99 30.17 -9.78
CA TRP A 311 14.65 29.99 -10.36
C TRP A 311 14.70 29.52 -11.80
N GLY A 312 14.08 28.37 -12.06
CA GLY A 312 14.05 27.84 -13.41
C GLY A 312 15.42 27.72 -14.05
N SER A 313 16.32 26.97 -13.41
CA SER A 313 17.66 26.78 -13.95
C SER A 313 17.56 26.05 -15.29
N LEU A 314 16.68 25.06 -15.37
CA LEU A 314 16.50 24.30 -16.61
C LEU A 314 15.95 25.19 -17.71
N ARG A 315 15.05 26.10 -17.35
CA ARG A 315 14.47 27.03 -18.32
C ARG A 315 15.60 27.84 -19.00
N HIS A 316 16.49 28.41 -18.21
CA HIS A 316 17.59 29.19 -18.79
C HIS A 316 18.57 28.39 -19.64
N ALA A 317 19.01 27.25 -19.11
CA ALA A 317 19.96 26.40 -19.82
C ALA A 317 19.41 25.87 -21.15
N THR A 318 18.17 25.36 -21.15
CA THR A 318 17.60 24.86 -22.38
C THR A 318 17.25 25.96 -23.38
N THR A 319 17.00 27.18 -22.90
CA THR A 319 16.69 28.28 -23.81
C THR A 319 18.01 28.70 -24.47
N GLN A 320 19.07 28.81 -23.68
CA GLN A 320 20.38 29.16 -24.24
C GLN A 320 20.80 28.05 -25.20
N ALA A 321 20.43 26.82 -24.88
CA ALA A 321 20.77 25.69 -25.76
C ALA A 321 20.17 25.94 -27.14
N PHE A 322 18.93 26.44 -27.16
CA PHE A 322 18.25 26.72 -28.42
C PHE A 322 18.98 27.80 -29.21
N LEU A 323 19.33 28.90 -28.54
CA LEU A 323 20.03 29.98 -29.23
C LEU A 323 21.38 29.50 -29.73
N ALA A 324 22.06 28.69 -28.93
CA ALA A 324 23.36 28.17 -29.37
C ALA A 324 23.17 27.35 -30.66
N GLY A 325 22.14 26.52 -30.69
CA GLY A 325 21.88 25.69 -31.86
C GLY A 325 21.60 26.52 -33.11
N VAL A 326 20.76 27.53 -32.97
CA VAL A 326 20.42 28.39 -34.09
C VAL A 326 21.64 29.12 -34.62
N TYR A 327 22.40 29.72 -33.71
CA TYR A 327 23.59 30.45 -34.12
C TYR A 327 24.66 29.55 -34.72
N ALA A 328 24.86 28.38 -34.13
CA ALA A 328 25.86 27.42 -34.63
C ALA A 328 25.63 27.03 -36.09
N GLU A 329 24.36 27.00 -36.49
CA GLU A 329 24.00 26.64 -37.86
C GLU A 329 24.20 27.76 -38.87
N TRP A 330 24.32 28.99 -38.37
CA TRP A 330 24.50 30.13 -39.25
C TRP A 330 25.93 30.23 -39.78
N GLU A 331 26.03 30.49 -41.08
CA GLU A 331 27.30 30.58 -41.79
C GLU A 331 28.24 31.64 -41.22
N GLY A 332 27.68 32.63 -40.53
CA GLY A 332 28.49 33.69 -39.96
C GLY A 332 29.14 33.37 -38.61
N CYS A 333 28.74 32.26 -38.00
CA CYS A 333 29.29 31.86 -36.71
C CYS A 333 30.75 31.50 -36.83
N THR A 334 31.58 31.96 -35.90
CA THR A 334 33.00 31.64 -35.90
C THR A 334 33.13 30.13 -36.03
N PRO A 335 33.76 29.64 -37.11
CA PRO A 335 33.94 28.20 -37.36
C PRO A 335 34.36 27.34 -36.19
N SER A 336 35.37 27.77 -35.44
CA SER A 336 35.86 27.00 -34.31
C SER A 336 34.84 26.83 -33.18
N LYS A 337 33.85 27.72 -33.12
CA LYS A 337 32.86 27.63 -32.04
C LYS A 337 31.62 26.80 -32.40
N VAL A 338 31.47 26.47 -33.67
CA VAL A 338 30.32 25.69 -34.09
C VAL A 338 30.16 24.40 -33.29
N SER A 339 31.22 23.60 -33.18
CA SER A 339 31.14 22.35 -32.43
C SER A 339 30.96 22.60 -30.93
N VAL A 340 31.58 23.66 -30.43
CA VAL A 340 31.45 24.01 -29.02
C VAL A 340 29.99 24.30 -28.71
N TYR A 341 29.37 25.13 -29.53
CA TYR A 341 27.97 25.49 -29.32
C TYR A 341 27.03 24.30 -29.49
N LYS A 342 27.28 23.46 -30.48
CA LYS A 342 26.45 22.28 -30.70
C LYS A 342 26.60 21.27 -29.58
N ASP A 343 27.79 21.18 -28.98
CA ASP A 343 28.00 20.24 -27.88
C ASP A 343 27.20 20.71 -26.68
N PHE A 344 27.16 22.03 -26.49
CA PHE A 344 26.43 22.66 -25.40
C PHE A 344 24.94 22.38 -25.57
N LEU A 345 24.44 22.56 -26.79
CA LEU A 345 23.04 22.29 -27.06
C LEU A 345 22.69 20.87 -26.62
N LYS A 346 23.49 19.91 -27.04
CA LYS A 346 23.21 18.52 -26.68
C LYS A 346 23.38 18.24 -25.19
N SER A 347 24.44 18.76 -24.59
CA SER A 347 24.67 18.50 -23.17
C SER A 347 23.57 19.07 -22.28
N GLN A 348 23.11 20.28 -22.58
CA GLN A 348 22.05 20.87 -21.77
C GLN A 348 20.71 20.16 -21.96
N ILE A 349 20.39 19.81 -23.20
CA ILE A 349 19.15 19.10 -23.44
C ILE A 349 19.21 17.71 -22.82
N ASP A 350 20.34 17.03 -22.94
CA ASP A 350 20.45 15.69 -22.36
C ASP A 350 20.33 15.72 -20.83
N TYR A 351 20.82 16.80 -20.22
CA TYR A 351 20.72 16.90 -18.77
C TYR A 351 19.23 16.95 -18.39
N ALA A 352 18.46 17.73 -19.15
CA ALA A 352 17.03 17.85 -18.90
C ALA A 352 16.27 16.54 -19.13
N LEU A 353 16.71 15.77 -20.13
CA LEU A 353 16.04 14.52 -20.49
C LEU A 353 16.44 13.30 -19.68
N GLY A 354 17.64 13.29 -19.10
CA GLY A 354 18.01 12.15 -18.31
C GLY A 354 19.48 11.79 -18.09
N SER A 355 20.41 12.69 -18.40
CA SER A 355 21.82 12.35 -18.23
C SER A 355 22.26 12.16 -16.78
N THR A 356 21.49 12.67 -15.82
CA THR A 356 21.84 12.48 -14.42
C THR A 356 21.23 11.18 -13.89
N GLY A 357 20.48 10.49 -14.74
CA GLY A 357 19.85 9.25 -14.32
C GLY A 357 18.33 9.33 -14.21
N ARG A 358 17.80 10.54 -14.34
CA ARG A 358 16.35 10.71 -14.29
C ARG A 358 15.96 11.89 -15.16
N SER A 359 14.70 11.88 -15.61
CA SER A 359 14.17 12.94 -16.46
C SER A 359 13.60 14.08 -15.62
N PHE A 360 13.67 15.30 -16.17
CA PHE A 360 13.11 16.46 -15.51
C PHE A 360 11.89 16.92 -16.29
N VAL A 361 11.41 16.03 -17.17
CA VAL A 361 10.25 16.31 -18.00
C VAL A 361 9.10 15.40 -17.58
N VAL A 362 7.99 16.01 -17.15
CA VAL A 362 6.81 15.25 -16.71
C VAL A 362 6.32 14.26 -17.76
N GLY A 363 6.06 13.03 -17.32
CA GLY A 363 5.56 12.01 -18.23
C GLY A 363 6.53 11.55 -19.31
N TYR A 364 7.82 11.74 -19.08
CA TYR A 364 8.81 11.35 -20.06
C TYR A 364 10.06 10.75 -19.44
N GLY A 365 10.62 9.75 -20.12
CA GLY A 365 11.85 9.14 -19.65
C GLY A 365 11.82 8.37 -18.36
N VAL A 366 13.00 8.24 -17.75
CA VAL A 366 13.15 7.50 -16.51
C VAL A 366 12.91 8.36 -15.28
N ASN A 367 12.05 7.87 -14.40
CA ASN A 367 11.74 8.54 -13.14
C ASN A 367 11.44 10.04 -13.27
N PRO A 368 10.47 10.40 -14.13
CA PRO A 368 10.12 11.82 -14.30
C PRO A 368 9.47 12.39 -13.03
N PRO A 369 9.43 13.73 -12.90
CA PRO A 369 8.83 14.39 -11.73
C PRO A 369 7.37 13.98 -11.61
N GLN A 370 6.93 13.71 -10.38
CA GLN A 370 5.56 13.26 -10.12
C GLN A 370 4.73 14.30 -9.41
N HIS A 371 5.39 15.34 -8.89
CA HIS A 371 4.66 16.34 -8.14
C HIS A 371 4.89 17.79 -8.57
N PRO A 372 4.75 18.07 -9.88
CA PRO A 372 4.95 19.46 -10.31
C PRO A 372 3.94 20.41 -9.66
N HIS A 373 4.37 21.65 -9.40
CA HIS A 373 3.49 22.62 -8.75
C HIS A 373 2.47 23.09 -9.79
N HIS A 374 1.34 22.40 -9.86
CA HIS A 374 0.31 22.71 -10.86
C HIS A 374 -1.06 22.31 -10.33
N ARG A 375 -1.94 23.30 -10.21
CA ARG A 375 -3.29 23.09 -9.69
C ARG A 375 -4.16 22.10 -10.44
N THR A 376 -4.30 22.28 -11.74
CA THR A 376 -5.18 21.39 -12.49
C THR A 376 -4.64 19.98 -12.70
N ALA A 377 -3.32 19.83 -12.82
CA ALA A 377 -2.77 18.49 -13.00
C ALA A 377 -2.88 17.71 -11.69
N HIS A 378 -2.70 18.41 -10.58
CA HIS A 378 -2.81 17.77 -9.27
C HIS A 378 -4.27 17.34 -9.10
N GLY A 379 -5.17 18.30 -9.29
CA GLY A 379 -6.58 18.01 -9.20
C GLY A 379 -7.16 17.81 -7.81
N SER A 380 -6.81 18.68 -6.89
CA SER A 380 -7.38 18.58 -5.56
C SER A 380 -8.85 18.98 -5.66
N TRP A 381 -9.71 18.36 -4.85
CA TRP A 381 -11.12 18.74 -4.84
C TRP A 381 -11.48 19.32 -3.49
N THR A 382 -10.48 19.57 -2.65
CA THR A 382 -10.70 20.13 -1.31
C THR A 382 -9.90 21.40 -1.02
N ASP A 383 -9.37 22.06 -2.07
CA ASP A 383 -8.58 23.28 -1.89
C ASP A 383 -7.41 22.96 -0.96
N GLN A 384 -6.71 21.86 -1.27
CA GLN A 384 -5.56 21.42 -0.49
C GLN A 384 -4.43 20.94 -1.38
N MET A 385 -3.27 21.57 -1.26
CA MET A 385 -2.11 21.19 -2.05
C MET A 385 -1.64 19.79 -1.64
N THR A 386 -1.99 19.39 -0.42
CA THR A 386 -1.59 18.11 0.16
C THR A 386 -2.54 16.93 -0.07
N SER A 387 -3.72 17.20 -0.62
CA SER A 387 -4.70 16.13 -0.85
C SER A 387 -5.35 16.26 -2.23
N PRO A 388 -5.31 15.19 -3.04
CA PRO A 388 -4.71 13.89 -2.74
C PRO A 388 -3.19 13.97 -2.68
N THR A 389 -2.56 12.90 -2.20
CA THR A 389 -1.11 12.85 -2.05
C THR A 389 -0.35 12.52 -3.34
N TYR A 390 -1.06 12.54 -4.46
CA TYR A 390 -0.45 12.24 -5.76
C TYR A 390 -1.21 13.06 -6.80
N HIS A 391 -0.60 13.27 -7.96
CA HIS A 391 -1.26 14.05 -9.03
C HIS A 391 -2.25 13.17 -9.79
N ARG A 392 -3.49 13.64 -9.88
CA ARG A 392 -4.49 12.85 -10.57
C ARG A 392 -4.28 12.81 -12.08
N HIS A 393 -3.52 13.76 -12.61
CA HIS A 393 -3.26 13.80 -14.06
C HIS A 393 -1.79 13.94 -14.39
N THR A 394 -1.42 13.51 -15.60
CA THR A 394 -0.05 13.60 -16.07
C THR A 394 0.04 14.72 -17.09
N ILE A 395 0.70 15.82 -16.72
CA ILE A 395 0.83 16.95 -17.61
C ILE A 395 2.10 16.78 -18.47
N TYR A 396 1.98 15.90 -19.45
CA TYR A 396 3.07 15.56 -20.37
C TYR A 396 3.85 16.72 -20.96
N GLY A 397 5.17 16.55 -21.01
CA GLY A 397 6.03 17.56 -21.62
C GLY A 397 6.55 18.68 -20.74
N ALA A 398 5.89 18.92 -19.61
CA ALA A 398 6.29 19.98 -18.68
C ALA A 398 7.72 19.87 -18.13
N LEU A 399 8.54 20.89 -18.38
CA LEU A 399 9.90 20.93 -17.89
C LEU A 399 9.91 21.62 -16.51
N VAL A 400 10.31 20.91 -15.45
CA VAL A 400 10.32 21.52 -14.12
C VAL A 400 11.44 22.56 -13.95
N GLY A 401 11.31 23.38 -12.91
CA GLY A 401 12.28 24.42 -12.62
C GLY A 401 13.72 23.94 -12.77
N GLY A 402 14.07 22.90 -12.02
CA GLY A 402 15.42 22.39 -12.10
C GLY A 402 16.10 22.36 -10.75
N PRO A 403 17.29 21.76 -10.65
CA PRO A 403 18.06 21.64 -9.41
C PRO A 403 18.78 22.91 -8.98
N ASP A 404 19.43 22.82 -7.82
CA ASP A 404 20.21 23.94 -7.30
C ASP A 404 21.59 23.81 -7.94
N ASN A 405 22.52 24.69 -7.59
CA ASN A 405 23.84 24.64 -8.21
C ASN A 405 24.69 23.41 -7.89
N ALA A 406 24.17 22.52 -7.04
CA ALA A 406 24.87 21.29 -6.70
C ALA A 406 24.08 20.08 -7.17
N ASP A 407 23.20 20.29 -8.15
CA ASP A 407 22.37 19.23 -8.72
C ASP A 407 21.31 18.70 -7.75
N GLY A 408 21.13 19.37 -6.63
CA GLY A 408 20.12 18.95 -5.67
C GLY A 408 18.72 19.24 -6.17
N TYR A 409 17.83 18.27 -6.07
CA TYR A 409 16.47 18.45 -6.55
C TYR A 409 15.47 17.70 -5.67
N THR A 410 14.39 18.37 -5.30
CA THR A 410 13.36 17.77 -4.45
C THR A 410 12.02 17.79 -5.18
N ASP A 411 11.56 16.64 -5.62
CA ASP A 411 10.28 16.57 -6.32
C ASP A 411 9.11 16.59 -5.35
N GLU A 412 8.66 17.80 -4.99
CA GLU A 412 7.53 17.95 -4.09
C GLU A 412 6.68 19.09 -4.61
N ILE A 413 5.38 18.96 -4.46
CA ILE A 413 4.40 19.93 -4.94
C ILE A 413 4.55 21.37 -4.41
N ASN A 414 5.02 21.51 -3.17
CA ASN A 414 5.17 22.84 -2.57
C ASN A 414 6.45 23.59 -2.92
N ASN A 415 7.38 22.92 -3.57
CA ASN A 415 8.64 23.55 -3.94
C ASN A 415 8.43 24.24 -5.29
N TYR A 416 7.77 25.40 -5.28
CA TYR A 416 7.50 26.11 -6.52
C TYR A 416 8.69 26.83 -7.14
N VAL A 417 9.82 26.80 -6.45
CA VAL A 417 11.02 27.44 -6.96
C VAL A 417 11.76 26.49 -7.91
N ASN A 418 11.87 25.23 -7.52
CA ASN A 418 12.55 24.22 -8.32
C ASN A 418 11.60 23.20 -8.97
N ASN A 419 10.34 23.20 -8.58
CA ASN A 419 9.40 22.24 -9.15
C ASN A 419 8.15 22.86 -9.80
N GLU A 420 8.18 24.15 -10.14
CA GLU A 420 6.97 24.62 -10.81
C GLU A 420 7.21 24.43 -12.30
N ILE A 421 6.15 24.53 -13.08
CA ILE A 421 6.23 24.40 -14.52
C ILE A 421 5.52 25.61 -15.07
N ALA A 422 5.89 26.05 -16.27
CA ALA A 422 5.28 27.24 -16.83
C ALA A 422 5.51 27.36 -18.32
N CYS A 423 4.71 28.22 -18.96
CA CYS A 423 4.82 28.42 -20.41
C CYS A 423 6.24 28.74 -20.87
N ASP A 424 6.84 29.77 -20.28
CA ASP A 424 8.18 30.16 -20.69
C ASP A 424 9.25 29.09 -20.46
N TYR A 425 9.04 28.23 -19.47
CA TYR A 425 10.01 27.16 -19.18
C TYR A 425 10.18 26.21 -20.38
N ASN A 426 9.07 25.92 -21.06
CA ASN A 426 9.09 25.02 -22.21
C ASN A 426 9.30 25.68 -23.57
N ALA A 427 9.35 27.00 -23.61
CA ALA A 427 9.47 27.71 -24.89
C ALA A 427 10.75 27.43 -25.70
N GLY A 428 11.89 27.87 -25.16
CA GLY A 428 13.15 27.63 -25.83
C GLY A 428 13.46 26.14 -25.86
N PHE A 429 13.04 25.46 -24.81
CA PHE A 429 13.22 24.02 -24.67
C PHE A 429 12.69 23.33 -25.93
N THR A 430 11.48 23.70 -26.34
CA THR A 430 10.88 23.10 -27.53
C THR A 430 11.75 23.28 -28.76
N GLY A 431 12.30 24.48 -28.94
CA GLY A 431 13.17 24.74 -30.09
C GLY A 431 14.47 23.94 -30.06
N ALA A 432 15.04 23.77 -28.88
CA ALA A 432 16.28 23.01 -28.77
C ALA A 432 15.99 21.54 -29.05
N LEU A 433 14.82 21.09 -28.64
CA LEU A 433 14.44 19.69 -28.86
C LEU A 433 14.27 19.39 -30.33
N ALA A 434 13.69 20.33 -31.07
CA ALA A 434 13.47 20.17 -32.49
C ALA A 434 14.85 19.98 -33.15
N LYS A 435 15.81 20.77 -32.71
CA LYS A 435 17.16 20.67 -33.28
C LYS A 435 17.85 19.36 -32.91
N MET A 436 17.61 18.85 -31.71
CA MET A 436 18.24 17.58 -31.35
C MET A 436 17.57 16.45 -32.14
N TYR A 437 16.26 16.58 -32.38
CA TYR A 437 15.55 15.57 -33.15
C TYR A 437 16.11 15.52 -34.56
N LYS A 438 16.31 16.69 -35.15
CA LYS A 438 16.85 16.80 -36.49
C LYS A 438 18.23 16.14 -36.58
N HIS A 439 18.98 16.23 -35.49
CA HIS A 439 20.32 15.67 -35.46
C HIS A 439 20.45 14.20 -35.05
N SER A 440 19.72 13.79 -34.02
CA SER A 440 19.80 12.42 -33.51
C SER A 440 18.54 11.57 -33.57
N GLY A 441 17.42 12.17 -34.00
CA GLY A 441 16.19 11.40 -34.09
C GLY A 441 15.49 10.97 -32.82
N GLY A 442 14.72 9.90 -32.93
CA GLY A 442 13.92 9.39 -31.84
C GLY A 442 12.48 9.59 -32.29
N ASP A 443 11.77 8.51 -32.60
CA ASP A 443 10.38 8.62 -33.08
C ASP A 443 9.33 9.01 -32.07
N PRO A 444 8.49 10.00 -32.41
CA PRO A 444 7.44 10.40 -31.48
C PRO A 444 6.49 9.21 -31.36
N ILE A 445 5.63 9.22 -30.35
CA ILE A 445 4.66 8.16 -30.16
C ILE A 445 3.55 8.35 -31.20
N PRO A 446 3.23 7.30 -31.97
CA PRO A 446 2.16 7.39 -32.99
C PRO A 446 0.79 7.73 -32.40
N ASN A 447 0.09 8.69 -33.01
CA ASN A 447 -1.24 9.08 -32.57
C ASN A 447 -1.36 9.22 -31.05
N PHE A 448 -0.43 9.96 -30.45
CA PHE A 448 -0.42 10.14 -29.00
C PHE A 448 -1.55 11.03 -28.48
N LYS A 449 -2.19 10.56 -27.42
CA LYS A 449 -3.27 11.31 -26.79
C LYS A 449 -3.16 11.11 -25.29
N ALA A 450 -3.83 11.96 -24.52
CA ALA A 450 -3.79 11.84 -23.07
C ALA A 450 -5.17 11.53 -22.49
N ILE A 451 -5.74 10.42 -22.94
CA ILE A 451 -7.04 9.99 -22.44
C ILE A 451 -6.69 9.09 -21.27
N GLU A 452 -6.87 9.60 -20.06
CA GLU A 452 -6.53 8.85 -18.86
C GLU A 452 -7.67 8.00 -18.32
N LYS A 453 -7.30 6.96 -17.58
CA LYS A 453 -8.30 6.11 -16.96
C LYS A 453 -8.79 6.88 -15.73
N ILE A 454 -10.08 6.75 -15.41
CA ILE A 454 -10.62 7.41 -14.22
C ILE A 454 -10.03 6.64 -13.05
N THR A 455 -9.22 7.29 -12.23
CA THR A 455 -8.59 6.63 -11.10
C THR A 455 -9.29 6.73 -9.76
N ASN A 456 -10.39 7.47 -9.70
CA ASN A 456 -11.16 7.54 -8.46
C ASN A 456 -12.61 7.82 -8.79
N ASP A 457 -13.54 7.22 -8.05
CA ASP A 457 -14.95 7.46 -8.31
C ASP A 457 -15.18 8.97 -8.24
N GLU A 458 -15.65 9.52 -9.34
CA GLU A 458 -15.85 10.96 -9.44
C GLU A 458 -16.91 11.56 -8.54
N VAL A 459 -17.95 10.78 -8.23
CA VAL A 459 -19.02 11.22 -7.35
C VAL A 459 -19.37 10.05 -6.44
N ILE A 460 -19.22 10.25 -5.14
CA ILE A 460 -19.50 9.18 -4.18
C ILE A 460 -20.43 9.64 -3.09
N ILE A 461 -20.88 8.70 -2.26
CA ILE A 461 -21.75 9.03 -1.17
C ILE A 461 -21.32 8.20 0.03
N LYS A 462 -21.32 8.82 1.20
CA LYS A 462 -20.97 8.17 2.45
C LYS A 462 -22.21 8.30 3.33
N ALA A 463 -22.49 7.30 4.15
CA ALA A 463 -23.65 7.39 5.00
C ALA A 463 -23.44 6.68 6.33
N GLY A 464 -24.38 6.88 7.24
CA GLY A 464 -24.33 6.26 8.55
C GLY A 464 -25.69 6.40 9.23
N LEU A 465 -25.89 5.64 10.30
CA LEU A 465 -27.15 5.70 11.04
C LEU A 465 -27.13 6.88 12.00
N ASN A 466 -27.98 7.88 11.75
CA ASN A 466 -28.03 9.06 12.60
C ASN A 466 -28.75 8.74 13.91
N SER A 467 -29.99 8.27 13.80
CA SER A 467 -30.77 7.88 14.97
C SER A 467 -31.84 6.88 14.55
N THR A 468 -32.15 5.95 15.44
CA THR A 468 -33.15 4.93 15.16
C THR A 468 -34.26 4.90 16.22
N GLY A 469 -35.23 4.02 15.98
CA GLY A 469 -36.35 3.86 16.89
C GLY A 469 -37.16 2.66 16.45
N PRO A 470 -38.06 2.16 17.32
CA PRO A 470 -38.89 1.01 16.97
C PRO A 470 -39.82 1.29 15.78
N ASN A 471 -39.93 2.55 15.40
CA ASN A 471 -40.80 2.89 14.27
C ASN A 471 -40.13 3.79 13.24
N TYR A 472 -38.80 3.84 13.22
CA TYR A 472 -38.14 4.69 12.23
C TYR A 472 -36.64 4.45 12.06
N THR A 473 -36.11 5.04 10.99
CA THR A 473 -34.70 4.98 10.66
C THR A 473 -34.34 6.37 10.16
N GLU A 474 -33.29 6.96 10.71
CA GLU A 474 -32.85 8.28 10.26
C GLU A 474 -31.43 8.14 9.71
N ILE A 475 -31.26 8.56 8.47
CA ILE A 475 -29.99 8.46 7.78
C ILE A 475 -29.24 9.77 7.65
N LYS A 476 -27.92 9.69 7.76
CA LYS A 476 -27.09 10.87 7.56
C LYS A 476 -26.23 10.46 6.38
N ALA A 477 -26.35 11.20 5.29
CA ALA A 477 -25.60 10.87 4.09
C ALA A 477 -24.86 12.11 3.59
N VAL A 478 -23.70 11.90 3.00
CA VAL A 478 -22.91 12.98 2.46
C VAL A 478 -22.43 12.65 1.05
N VAL A 479 -22.85 13.46 0.08
CA VAL A 479 -22.45 13.27 -1.31
C VAL A 479 -21.17 14.08 -1.51
N TYR A 480 -20.21 13.53 -2.23
CA TYR A 480 -18.96 14.23 -2.50
C TYR A 480 -18.65 14.32 -3.99
N ASN A 481 -18.26 15.52 -4.44
CA ASN A 481 -17.88 15.75 -5.83
C ASN A 481 -16.35 15.60 -5.84
N GLN A 482 -15.87 14.54 -6.45
CA GLN A 482 -14.43 14.28 -6.55
C GLN A 482 -14.09 14.18 -8.03
N THR A 483 -14.81 14.94 -8.85
CA THR A 483 -14.62 14.90 -10.30
C THR A 483 -13.24 15.36 -10.76
N GLY A 484 -12.76 14.73 -11.83
CA GLY A 484 -11.46 15.08 -12.36
C GLY A 484 -11.29 14.86 -13.85
N TRP A 485 -12.25 14.20 -14.49
CA TRP A 485 -12.13 13.93 -15.92
C TRP A 485 -13.33 14.39 -16.75
N PRO A 486 -13.56 15.71 -16.82
CA PRO A 486 -12.78 16.77 -16.17
C PRO A 486 -13.42 17.18 -14.86
N ALA A 487 -12.71 18.00 -14.09
CA ALA A 487 -13.25 18.53 -12.86
C ALA A 487 -14.47 19.29 -13.34
N ARG A 488 -15.57 19.23 -12.59
CA ARG A 488 -16.78 19.91 -13.02
C ARG A 488 -17.79 20.13 -11.91
N VAL A 489 -18.66 21.11 -12.14
CA VAL A 489 -19.73 21.43 -11.22
C VAL A 489 -20.74 20.31 -11.45
N THR A 490 -21.23 19.71 -10.37
CA THR A 490 -22.25 18.67 -10.49
C THR A 490 -23.52 19.24 -9.87
N ASP A 491 -24.33 19.88 -10.70
CA ASP A 491 -25.55 20.51 -10.27
C ASP A 491 -26.84 19.74 -10.56
N LYS A 492 -26.70 18.47 -10.94
CA LYS A 492 -27.86 17.64 -11.24
C LYS A 492 -27.77 16.29 -10.51
N ILE A 493 -27.20 16.32 -9.32
CA ILE A 493 -27.01 15.10 -8.52
C ILE A 493 -28.19 14.77 -7.61
N SER A 494 -28.44 13.48 -7.44
CA SER A 494 -29.52 13.00 -6.57
C SER A 494 -29.11 11.59 -6.11
N PHE A 495 -29.80 11.07 -5.10
CA PHE A 495 -29.54 9.72 -4.63
C PHE A 495 -30.84 9.10 -4.12
N LYS A 496 -30.88 7.77 -4.06
CA LYS A 496 -32.08 7.07 -3.65
C LYS A 496 -31.81 6.09 -2.51
N TYR A 497 -32.71 6.05 -1.54
CA TYR A 497 -32.59 5.18 -0.38
C TYR A 497 -33.73 4.16 -0.48
N PHE A 498 -33.38 2.90 -0.72
CA PHE A 498 -34.36 1.83 -0.91
C PHE A 498 -34.73 1.04 0.33
N MET A 499 -36.02 0.74 0.45
CA MET A 499 -36.56 -0.01 1.58
C MET A 499 -37.54 -1.08 1.08
N ASP A 500 -37.65 -2.14 1.83
CA ASP A 500 -38.68 -3.16 1.61
C ASP A 500 -39.78 -2.93 2.61
N LEU A 501 -40.96 -2.53 2.15
CA LEU A 501 -42.01 -2.20 3.10
C LEU A 501 -43.12 -3.26 3.24
N SER A 502 -42.75 -4.52 3.02
CA SER A 502 -43.70 -5.63 3.14
C SER A 502 -44.38 -5.62 4.51
N GLU A 503 -43.62 -5.27 5.55
CA GLU A 503 -44.18 -5.24 6.90
C GLU A 503 -45.23 -4.15 7.06
N ILE A 504 -45.11 -3.07 6.29
CA ILE A 504 -46.08 -1.99 6.38
C ILE A 504 -47.37 -2.50 5.74
N VAL A 505 -47.25 -3.03 4.53
CA VAL A 505 -48.42 -3.58 3.85
C VAL A 505 -49.10 -4.59 4.77
N ALA A 506 -48.30 -5.45 5.41
CA ALA A 506 -48.83 -6.48 6.30
C ALA A 506 -49.52 -5.91 7.54
N ALA A 507 -49.17 -4.67 7.90
CA ALA A 507 -49.78 -4.04 9.06
C ALA A 507 -51.08 -3.33 8.70
N GLY A 508 -51.43 -3.35 7.41
CA GLY A 508 -52.63 -2.69 6.97
C GLY A 508 -52.43 -1.19 6.83
N ILE A 509 -51.19 -0.78 6.60
CA ILE A 509 -50.85 0.62 6.45
C ILE A 509 -50.36 0.89 5.02
N ASP A 510 -50.62 2.09 4.52
CA ASP A 510 -50.18 2.46 3.18
C ASP A 510 -48.72 2.91 3.25
N PRO A 511 -47.82 2.22 2.53
CA PRO A 511 -46.40 2.59 2.53
C PRO A 511 -46.20 4.05 2.13
N LEU A 512 -47.06 4.52 1.24
CA LEU A 512 -46.95 5.90 0.76
C LEU A 512 -47.35 6.91 1.83
N SER A 513 -47.89 6.43 2.95
CA SER A 513 -48.30 7.29 4.03
C SER A 513 -47.23 7.49 5.10
N LEU A 514 -46.15 6.70 5.03
CA LEU A 514 -45.10 6.87 6.03
C LEU A 514 -44.62 8.31 5.91
N VAL A 515 -44.13 8.86 7.01
CA VAL A 515 -43.66 10.23 7.02
C VAL A 515 -42.15 10.34 6.88
N THR A 516 -41.71 11.12 5.91
CA THR A 516 -40.28 11.32 5.70
C THR A 516 -39.98 12.75 6.16
N SER A 517 -38.79 12.98 6.67
CA SER A 517 -38.42 14.30 7.16
C SER A 517 -36.92 14.49 7.16
N SER A 518 -36.48 15.71 7.49
CA SER A 518 -35.06 16.00 7.54
C SER A 518 -34.71 16.97 8.68
N ASN A 519 -33.85 16.53 9.59
CA ASN A 519 -33.43 17.35 10.72
C ASN A 519 -32.34 18.34 10.29
N TYR A 520 -31.41 17.88 9.45
CA TYR A 520 -30.33 18.73 8.98
C TYR A 520 -30.10 18.58 7.48
N SER A 521 -29.69 19.68 6.84
CA SER A 521 -29.42 19.68 5.41
C SER A 521 -28.41 20.78 5.09
N GLU A 522 -27.34 20.41 4.41
CA GLU A 522 -26.29 21.35 4.06
C GLU A 522 -26.67 22.32 2.93
N GLY A 523 -27.20 21.80 1.83
CA GLY A 523 -27.58 22.65 0.71
C GLY A 523 -28.99 23.20 0.84
N LYS A 524 -29.20 24.43 0.40
CA LYS A 524 -30.52 25.05 0.48
C LYS A 524 -31.54 24.54 -0.55
N ASN A 525 -31.09 23.79 -1.55
CA ASN A 525 -31.99 23.24 -2.56
C ASN A 525 -32.30 21.77 -2.31
N THR A 526 -31.73 21.21 -1.25
CA THR A 526 -31.93 19.81 -0.90
C THR A 526 -33.41 19.46 -0.70
N LYS A 527 -33.93 18.54 -1.50
CA LYS A 527 -35.32 18.13 -1.39
C LYS A 527 -35.47 16.63 -1.14
N VAL A 528 -36.05 16.28 0.01
CA VAL A 528 -36.27 14.89 0.37
C VAL A 528 -37.74 14.55 0.11
N SER A 529 -37.98 13.61 -0.79
CA SER A 529 -39.34 13.20 -1.15
C SER A 529 -40.00 12.36 -0.07
N GLY A 530 -41.28 12.08 -0.27
CA GLY A 530 -42.02 11.22 0.64
C GLY A 530 -41.71 9.84 0.09
N VAL A 531 -42.31 8.79 0.65
CA VAL A 531 -42.07 7.45 0.16
C VAL A 531 -42.66 7.26 -1.25
N LEU A 532 -41.84 6.74 -2.16
CA LEU A 532 -42.28 6.49 -3.55
C LEU A 532 -42.12 5.03 -3.90
N PRO A 533 -42.96 4.52 -4.80
CA PRO A 533 -42.87 3.12 -5.22
C PRO A 533 -41.71 2.95 -6.20
N TRP A 534 -41.06 1.79 -6.16
CA TRP A 534 -39.97 1.51 -7.08
C TRP A 534 -40.23 0.18 -7.76
N ASP A 535 -40.54 -0.84 -6.96
CA ASP A 535 -40.86 -2.18 -7.48
C ASP A 535 -41.80 -2.79 -6.45
N VAL A 536 -43.06 -2.35 -6.47
CA VAL A 536 -44.05 -2.81 -5.51
C VAL A 536 -44.28 -4.33 -5.50
N SER A 537 -43.95 -4.99 -6.60
CA SER A 537 -44.11 -6.46 -6.67
C SER A 537 -43.28 -7.11 -5.57
N ASN A 538 -42.16 -6.47 -5.25
CA ASN A 538 -41.28 -6.98 -4.19
C ASN A 538 -41.29 -6.03 -3.00
N ASN A 539 -42.34 -5.21 -2.92
CA ASN A 539 -42.52 -4.25 -1.82
C ASN A 539 -41.36 -3.28 -1.66
N VAL A 540 -40.72 -2.93 -2.76
CA VAL A 540 -39.60 -1.99 -2.69
C VAL A 540 -40.06 -0.57 -2.99
N TYR A 541 -39.77 0.32 -2.05
CA TYR A 541 -40.12 1.72 -2.18
C TYR A 541 -38.83 2.49 -1.92
N TYR A 542 -38.84 3.81 -2.16
CA TYR A 542 -37.63 4.58 -1.92
C TYR A 542 -37.92 6.03 -1.58
N VAL A 543 -36.87 6.72 -1.13
CA VAL A 543 -36.98 8.14 -0.85
C VAL A 543 -35.96 8.73 -1.80
N ASN A 544 -36.39 9.70 -2.60
CA ASN A 544 -35.51 10.36 -3.56
C ASN A 544 -34.99 11.66 -2.94
N VAL A 545 -33.68 11.85 -2.97
CA VAL A 545 -33.11 13.08 -2.43
C VAL A 545 -32.48 13.77 -3.62
N ASP A 546 -33.04 14.93 -3.95
CA ASP A 546 -32.61 15.72 -5.08
C ASP A 546 -31.71 16.87 -4.64
N LEU A 547 -30.55 16.99 -5.28
CA LEU A 547 -29.60 18.05 -4.96
C LEU A 547 -29.47 18.98 -6.16
N THR A 548 -30.34 18.78 -7.14
CA THR A 548 -30.32 19.59 -8.34
C THR A 548 -30.34 21.08 -7.95
N GLY A 549 -29.51 21.86 -8.64
CA GLY A 549 -29.43 23.28 -8.34
C GLY A 549 -28.25 23.62 -7.45
N GLU A 550 -27.75 22.64 -6.71
CA GLU A 550 -26.62 22.87 -5.82
C GLU A 550 -25.33 23.05 -6.62
N ASN A 551 -24.56 24.07 -6.24
CA ASN A 551 -23.30 24.37 -6.91
C ASN A 551 -22.19 23.54 -6.27
N ILE A 552 -22.28 22.23 -6.41
CA ILE A 552 -21.29 21.33 -5.85
C ILE A 552 -20.10 21.27 -6.82
N TYR A 553 -18.91 21.58 -6.34
CA TYR A 553 -17.73 21.55 -7.21
C TYR A 553 -16.47 21.14 -6.45
N PRO A 554 -15.50 20.54 -7.14
CA PRO A 554 -14.24 20.08 -6.52
C PRO A 554 -13.29 21.24 -6.22
N GLY A 555 -13.68 22.11 -5.28
CA GLY A 555 -12.83 23.24 -4.94
C GLY A 555 -12.85 23.68 -3.48
N GLY A 556 -13.00 22.72 -2.57
CA GLY A 556 -13.03 23.06 -1.16
C GLY A 556 -13.71 21.97 -0.36
N GLN A 557 -13.46 21.94 0.94
CA GLN A 557 -14.05 20.93 1.80
C GLN A 557 -15.57 21.03 1.85
N SER A 558 -16.10 22.24 1.99
CA SER A 558 -17.53 22.40 2.02
C SER A 558 -18.10 22.40 0.59
N ALA A 559 -17.37 23.02 -0.32
CA ALA A 559 -17.80 23.11 -1.72
C ALA A 559 -18.09 21.80 -2.43
N CYS A 560 -17.26 20.79 -2.18
CA CYS A 560 -17.39 19.51 -2.85
C CYS A 560 -18.42 18.56 -2.24
N ARG A 561 -19.01 18.94 -1.12
CA ARG A 561 -19.96 18.03 -0.51
C ARG A 561 -21.28 18.65 -0.08
N ARG A 562 -22.25 17.77 0.12
CA ARG A 562 -23.57 18.17 0.57
C ARG A 562 -24.07 17.09 1.51
N GLU A 563 -24.30 17.49 2.77
CA GLU A 563 -24.77 16.56 3.78
C GLU A 563 -26.29 16.65 3.82
N VAL A 564 -26.94 15.49 3.99
CA VAL A 564 -28.38 15.44 4.08
C VAL A 564 -28.75 14.39 5.12
N GLN A 565 -29.58 14.78 6.08
CA GLN A 565 -30.03 13.86 7.11
C GLN A 565 -31.52 13.74 6.89
N PHE A 566 -32.00 12.51 6.70
CA PHE A 566 -33.41 12.28 6.47
C PHE A 566 -33.94 11.08 7.25
N ARG A 567 -35.24 11.09 7.50
CA ARG A 567 -35.87 10.04 8.28
C ARG A 567 -37.15 9.51 7.64
N ILE A 568 -37.41 8.22 7.86
CA ILE A 568 -38.63 7.60 7.36
C ILE A 568 -39.21 6.97 8.63
N ALA A 569 -40.50 7.17 8.86
CA ALA A 569 -41.09 6.61 10.07
C ALA A 569 -42.51 6.09 9.96
N ALA A 570 -42.77 4.99 10.66
CA ALA A 570 -44.09 4.38 10.70
C ALA A 570 -44.82 5.06 11.86
N PRO A 571 -46.12 4.81 12.04
CA PRO A 571 -46.89 5.43 13.13
C PRO A 571 -46.24 5.25 14.50
N GLN A 572 -46.29 6.29 15.33
CA GLN A 572 -45.70 6.21 16.67
C GLN A 572 -46.36 5.07 17.44
N GLY A 573 -45.60 4.47 18.35
CA GLY A 573 -46.14 3.37 19.13
C GLY A 573 -46.06 2.02 18.43
N THR A 574 -46.00 2.01 17.10
CA THR A 574 -45.93 0.75 16.36
C THR A 574 -44.54 0.12 16.46
N THR A 575 -44.48 -1.20 16.25
CA THR A 575 -43.22 -1.92 16.38
C THR A 575 -42.90 -2.87 15.23
N TYR A 576 -43.60 -2.74 14.11
CA TYR A 576 -43.35 -3.63 12.98
C TYR A 576 -42.32 -3.15 11.95
N TRP A 577 -41.93 -1.88 12.04
CA TRP A 577 -40.93 -1.32 11.13
C TRP A 577 -39.68 -2.21 11.18
N ASN A 578 -39.22 -2.69 10.02
CA ASN A 578 -38.02 -3.55 10.00
C ASN A 578 -37.00 -3.07 8.96
N PRO A 579 -35.94 -2.38 9.42
CA PRO A 579 -34.91 -1.89 8.49
C PRO A 579 -33.99 -2.96 7.90
N LYS A 580 -33.92 -4.12 8.54
CA LYS A 580 -33.06 -5.22 8.09
C LYS A 580 -33.35 -5.76 6.69
N ASN A 581 -34.59 -5.70 6.23
CA ASN A 581 -34.89 -6.18 4.89
C ASN A 581 -34.85 -5.04 3.86
N ASP A 582 -34.36 -3.88 4.30
CA ASP A 582 -34.24 -2.72 3.41
C ASP A 582 -32.88 -2.75 2.71
N PHE A 583 -32.92 -2.75 1.38
CA PHE A 583 -31.70 -2.78 0.56
C PHE A 583 -30.62 -1.77 1.00
N SER A 584 -31.01 -0.53 1.19
CA SER A 584 -30.06 0.53 1.57
C SER A 584 -29.61 0.54 3.02
N TYR A 585 -30.18 -0.31 3.85
CA TYR A 585 -29.83 -0.36 5.25
C TYR A 585 -28.68 -1.34 5.50
N ASP A 586 -28.55 -2.30 4.60
CA ASP A 586 -27.53 -3.33 4.72
C ASP A 586 -26.10 -2.80 4.80
N GLY A 587 -25.42 -3.12 5.89
CA GLY A 587 -24.04 -2.70 6.09
C GLY A 587 -23.90 -1.24 6.50
N LEU A 588 -25.02 -0.51 6.50
CA LEU A 588 -24.99 0.90 6.88
C LEU A 588 -24.28 1.10 8.21
N PRO A 589 -23.25 1.98 8.23
CA PRO A 589 -22.51 2.24 9.48
C PRO A 589 -23.50 2.66 10.57
N THR A 590 -23.66 1.80 11.58
CA THR A 590 -24.56 2.06 12.69
C THR A 590 -24.02 3.11 13.65
N THR A 591 -23.75 4.30 13.12
CA THR A 591 -23.22 5.41 13.89
C THR A 591 -23.42 6.70 13.10
N SER A 592 -23.26 7.84 13.76
CA SER A 592 -23.41 9.11 13.09
C SER A 592 -22.16 9.38 12.26
N THR A 593 -21.17 8.50 12.37
CA THR A 593 -19.91 8.61 11.62
C THR A 593 -20.11 7.92 10.27
N VAL A 594 -20.17 8.70 9.20
CA VAL A 594 -20.40 8.14 7.87
C VAL A 594 -19.23 7.48 7.17
N ASN A 595 -19.55 6.56 6.28
CA ASN A 595 -18.56 5.84 5.51
C ASN A 595 -19.10 5.59 4.09
N THR A 596 -18.20 5.42 3.13
CA THR A 596 -18.59 5.19 1.75
C THR A 596 -19.52 3.98 1.67
N VAL A 597 -20.69 4.16 1.05
CA VAL A 597 -21.64 3.06 0.93
C VAL A 597 -21.97 2.83 -0.55
N THR A 598 -22.33 1.59 -0.90
CA THR A 598 -22.64 1.26 -2.29
C THR A 598 -24.11 0.87 -2.54
N ASN A 599 -24.96 0.96 -1.52
CA ASN A 599 -26.37 0.63 -1.69
C ASN A 599 -27.32 1.81 -1.58
N ILE A 600 -26.79 2.99 -1.70
CA ILE A 600 -27.56 4.22 -1.80
C ILE A 600 -27.10 4.97 -3.03
N PRO A 601 -27.48 4.41 -4.18
CA PRO A 601 -27.07 4.90 -5.49
C PRO A 601 -27.18 6.39 -5.75
N VAL A 602 -26.17 6.91 -6.44
CA VAL A 602 -26.09 8.31 -6.78
C VAL A 602 -26.31 8.49 -8.28
N TYR A 603 -27.11 9.49 -8.63
CA TYR A 603 -27.43 9.75 -10.05
C TYR A 603 -27.01 11.15 -10.44
N ASP A 604 -26.59 11.26 -11.69
CA ASP A 604 -26.17 12.53 -12.26
C ASP A 604 -27.09 12.73 -13.45
N ASN A 605 -28.02 13.68 -13.33
CA ASN A 605 -29.01 13.92 -14.37
C ASN A 605 -29.76 12.61 -14.66
N GLY A 606 -30.20 11.96 -13.59
CA GLY A 606 -30.95 10.72 -13.73
C GLY A 606 -30.16 9.46 -14.06
N VAL A 607 -28.90 9.61 -14.43
CA VAL A 607 -28.07 8.47 -14.76
C VAL A 607 -27.31 7.98 -13.54
N LYS A 608 -27.47 6.71 -13.19
CA LYS A 608 -26.78 6.17 -12.04
C LYS A 608 -25.29 6.19 -12.31
N VAL A 609 -24.52 6.81 -11.41
CA VAL A 609 -23.07 6.89 -11.59
C VAL A 609 -22.28 6.24 -10.45
N PHE A 610 -22.94 5.95 -9.34
CA PHE A 610 -22.27 5.31 -8.21
C PHE A 610 -23.23 4.43 -7.43
N GLY A 611 -22.76 3.28 -6.96
CA GLY A 611 -23.63 2.41 -6.19
C GLY A 611 -24.52 1.49 -7.00
N ASN A 612 -25.29 0.67 -6.29
CA ASN A 612 -26.19 -0.30 -6.89
C ASN A 612 -27.65 -0.09 -6.49
N GLU A 613 -28.54 -0.58 -7.33
CA GLU A 613 -29.98 -0.52 -7.03
C GLU A 613 -30.37 -1.94 -6.67
N PRO A 614 -31.55 -2.12 -6.05
CA PRO A 614 -31.94 -3.49 -5.70
C PRO A 614 -32.28 -4.33 -6.92
N GLY B 2 -17.22 0.19 18.22
CA GLY B 2 -16.06 -0.61 17.75
C GLY B 2 -14.79 -0.35 18.55
N THR B 3 -14.80 -0.76 19.82
CA THR B 3 -13.65 -0.57 20.69
C THR B 3 -12.95 -1.91 20.92
N TYR B 4 -11.57 -1.94 20.78
CA TYR B 4 -10.92 -3.26 20.95
C TYR B 4 -9.73 -3.15 21.91
N ASN B 5 -9.63 -4.18 22.73
CA ASN B 5 -8.56 -4.28 23.70
C ASN B 5 -7.28 -4.75 22.99
N TYR B 6 -6.44 -3.79 22.62
CA TYR B 6 -5.21 -4.13 21.93
C TYR B 6 -4.20 -4.82 22.84
N GLY B 7 -4.25 -4.50 24.13
CA GLY B 7 -3.33 -5.10 25.09
C GLY B 7 -3.54 -6.60 25.23
N GLU B 8 -4.80 -7.01 25.35
CA GLU B 8 -5.13 -8.42 25.49
C GLU B 8 -4.79 -9.15 24.19
N ALA B 9 -5.05 -8.51 23.06
CA ALA B 9 -4.74 -9.14 21.78
C ALA B 9 -3.22 -9.34 21.69
N LEU B 10 -2.46 -8.35 22.12
CA LEU B 10 -1.00 -8.43 22.09
C LEU B 10 -0.45 -9.57 22.95
N GLN B 11 -0.94 -9.67 24.18
CA GLN B 11 -0.44 -10.73 25.06
C GLN B 11 -0.79 -12.12 24.50
N LYS B 12 -1.94 -12.24 23.86
CA LYS B 12 -2.32 -13.53 23.31
C LYS B 12 -1.52 -13.88 22.05
N SER B 13 -1.26 -12.88 21.21
CA SER B 13 -0.50 -13.11 19.98
C SER B 13 0.91 -13.60 20.34
N ILE B 14 1.46 -13.08 21.42
CA ILE B 14 2.79 -13.52 21.87
C ILE B 14 2.67 -14.94 22.40
N MET B 15 1.62 -15.20 23.18
CA MET B 15 1.42 -16.53 23.76
C MET B 15 1.27 -17.62 22.70
N PHE B 16 0.68 -17.26 21.55
CA PHE B 16 0.50 -18.19 20.45
C PHE B 16 1.79 -18.97 20.16
N TYR B 17 2.91 -18.27 20.09
CA TYR B 17 4.19 -18.91 19.80
C TYR B 17 4.61 -19.92 20.86
N GLU B 18 4.20 -19.71 22.10
CA GLU B 18 4.53 -20.65 23.17
C GLU B 18 3.84 -22.00 22.90
N PHE B 19 2.70 -21.94 22.22
CA PHE B 19 1.96 -23.15 21.88
C PHE B 19 2.58 -23.83 20.67
N GLN B 20 3.42 -23.10 19.95
CA GLN B 20 4.09 -23.64 18.78
C GLN B 20 5.44 -24.26 19.14
N ARG B 21 5.87 -24.09 20.40
CA ARG B 21 7.19 -24.60 20.78
C ARG B 21 7.44 -26.10 20.63
N SER B 22 8.64 -26.42 20.17
CA SER B 22 9.09 -27.79 19.99
C SER B 22 10.24 -27.91 20.99
N GLY B 23 10.56 -29.13 21.40
CA GLY B 23 11.66 -29.31 22.31
C GLY B 23 11.30 -29.49 23.78
N ASP B 24 12.32 -29.28 24.59
CA ASP B 24 12.25 -29.44 26.05
C ASP B 24 11.64 -28.18 26.62
N LEU B 25 10.34 -28.23 26.89
CA LEU B 25 9.64 -27.06 27.38
C LEU B 25 10.00 -26.68 28.82
N PRO B 26 10.10 -25.38 29.09
CA PRO B 26 10.45 -24.89 30.42
C PRO B 26 9.48 -25.28 31.54
N ALA B 27 10.04 -25.40 32.75
CA ALA B 27 9.26 -25.75 33.93
C ALA B 27 8.26 -24.63 34.21
N ASP B 28 8.64 -23.42 33.79
CA ASP B 28 7.81 -22.24 34.00
C ASP B 28 6.75 -21.98 32.92
N LYS B 29 6.44 -22.97 32.08
CA LYS B 29 5.42 -22.71 31.05
C LYS B 29 4.06 -22.47 31.70
N ARG B 30 3.23 -21.68 31.04
CA ARG B 30 1.91 -21.33 31.60
C ARG B 30 0.70 -22.01 30.95
N ASP B 31 0.87 -23.24 30.53
CA ASP B 31 -0.25 -23.99 29.94
C ASP B 31 -0.11 -25.41 30.46
N ASN B 32 -1.17 -26.20 30.35
CA ASN B 32 -1.12 -27.58 30.82
C ASN B 32 -1.42 -28.55 29.67
N TRP B 33 -1.22 -28.13 28.43
CA TRP B 33 -1.49 -29.06 27.34
C TRP B 33 -0.36 -29.26 26.33
N ARG B 34 0.71 -28.50 26.44
CA ARG B 34 1.86 -28.72 25.56
C ARG B 34 2.96 -29.33 26.45
N ASP B 35 3.74 -30.25 25.92
CA ASP B 35 4.83 -30.85 26.71
C ASP B 35 5.99 -31.17 25.75
N ASP B 36 7.02 -31.82 26.28
CA ASP B 36 8.18 -32.17 25.47
C ASP B 36 7.78 -32.86 24.17
N SER B 37 8.42 -32.47 23.07
CA SER B 37 8.14 -33.06 21.76
C SER B 37 9.35 -32.82 20.83
N GLY B 38 9.48 -33.63 19.78
CA GLY B 38 10.61 -33.49 18.87
C GLY B 38 11.93 -33.53 19.64
N MET B 39 11.95 -34.36 20.67
CA MET B 39 13.11 -34.50 21.53
C MET B 39 14.30 -35.17 20.91
N LYS B 40 14.11 -35.80 19.74
CA LYS B 40 15.22 -36.46 19.06
C LYS B 40 15.62 -35.68 17.81
N ASP B 41 15.11 -34.46 17.69
CA ASP B 41 15.39 -33.64 16.52
C ASP B 41 16.89 -33.43 16.34
N GLY B 42 17.40 -33.85 15.19
CA GLY B 42 18.81 -33.73 14.88
C GLY B 42 19.57 -35.04 15.12
N SER B 43 18.95 -35.97 15.83
CA SER B 43 19.59 -37.24 16.13
C SER B 43 20.05 -37.99 14.89
N ASP B 44 19.37 -37.80 13.75
CA ASP B 44 19.74 -38.47 12.51
C ASP B 44 21.06 -37.97 11.92
N VAL B 45 21.52 -36.80 12.34
CA VAL B 45 22.80 -36.28 11.85
C VAL B 45 23.79 -36.05 13.00
N GLY B 46 23.39 -36.47 14.20
CA GLY B 46 24.25 -36.32 15.35
C GLY B 46 24.42 -34.90 15.85
N VAL B 47 23.36 -34.12 15.73
CA VAL B 47 23.40 -32.74 16.18
C VAL B 47 22.15 -32.47 17.01
N ASP B 48 22.31 -31.71 18.08
CA ASP B 48 21.15 -31.36 18.90
C ASP B 48 20.42 -30.25 18.14
N LEU B 49 19.27 -30.58 17.56
CA LEU B 49 18.49 -29.58 16.82
C LEU B 49 17.11 -29.42 17.48
N THR B 50 17.05 -29.66 18.79
CA THR B 50 15.77 -29.53 19.50
C THR B 50 15.47 -28.07 19.74
N GLY B 51 14.18 -27.74 19.86
CA GLY B 51 13.78 -26.37 20.09
C GLY B 51 13.09 -25.73 18.90
N GLY B 52 12.99 -24.41 18.90
CA GLY B 52 12.34 -23.71 17.81
C GLY B 52 10.82 -23.86 17.84
N TRP B 53 10.17 -23.37 16.79
CA TRP B 53 8.71 -23.45 16.67
C TRP B 53 8.22 -24.29 15.51
N TYR B 54 7.16 -25.05 15.75
CA TYR B 54 6.53 -25.83 14.67
C TYR B 54 5.95 -24.73 13.77
N ASP B 55 5.98 -24.93 12.46
CA ASP B 55 5.51 -23.89 11.56
C ASP B 55 4.07 -23.43 11.61
N ALA B 56 3.14 -24.37 11.42
CA ALA B 56 1.73 -24.02 11.38
C ALA B 56 0.90 -25.00 12.20
N GLY B 57 0.01 -25.72 11.54
CA GLY B 57 -0.83 -26.69 12.21
C GLY B 57 -0.20 -28.05 12.12
N ASP B 58 1.06 -28.04 11.67
CA ASP B 58 1.86 -29.25 11.49
C ASP B 58 3.04 -29.24 12.45
N HIS B 59 3.97 -30.18 12.31
CA HIS B 59 5.12 -30.22 13.22
C HIS B 59 6.47 -30.12 12.52
N VAL B 60 6.46 -29.64 11.28
CA VAL B 60 7.73 -29.43 10.58
C VAL B 60 8.33 -28.12 11.07
N LYS B 61 9.65 -28.09 11.16
CA LYS B 61 10.36 -26.87 11.54
C LYS B 61 10.97 -26.34 10.25
N PHE B 62 10.33 -25.31 9.70
CA PHE B 62 10.76 -24.66 8.44
C PHE B 62 11.49 -23.37 8.83
N ASN B 63 12.82 -23.39 8.77
CA ASN B 63 13.58 -22.22 9.21
C ASN B 63 13.38 -20.87 8.48
N LEU B 64 12.91 -20.86 7.24
CA LEU B 64 12.74 -19.58 6.56
C LEU B 64 11.61 -18.78 7.23
N PRO B 65 10.38 -19.33 7.26
CA PRO B 65 9.33 -18.54 7.92
C PRO B 65 9.58 -18.40 9.42
N MET B 66 10.26 -19.39 10.00
CA MET B 66 10.53 -19.35 11.43
C MET B 66 11.45 -18.18 11.76
N SER B 67 12.52 -18.01 10.98
CA SER B 67 13.47 -16.91 11.20
C SER B 67 12.85 -15.58 10.81
N TYR B 68 12.00 -15.60 9.78
CA TYR B 68 11.32 -14.37 9.40
C TYR B 68 10.49 -13.93 10.62
N THR B 69 9.82 -14.89 11.24
CA THR B 69 8.97 -14.58 12.38
C THR B 69 9.73 -13.93 13.52
N SER B 70 10.76 -14.58 14.02
CA SER B 70 11.52 -13.99 15.13
C SER B 70 12.19 -12.68 14.77
N ALA B 71 12.56 -12.49 13.51
CA ALA B 71 13.18 -11.23 13.10
C ALA B 71 12.12 -10.12 13.21
N MET B 72 10.89 -10.43 12.79
CA MET B 72 9.80 -9.45 12.87
C MET B 72 9.43 -9.14 14.32
N LEU B 73 9.47 -10.15 15.19
CA LEU B 73 9.15 -9.93 16.61
C LEU B 73 10.21 -9.02 17.22
N ALA B 74 11.46 -9.28 16.90
CA ALA B 74 12.56 -8.47 17.41
C ALA B 74 12.45 -7.04 16.87
N TRP B 75 12.03 -6.91 15.61
CA TRP B 75 11.87 -5.59 15.02
C TRP B 75 10.85 -4.81 15.85
N SER B 76 9.73 -5.45 16.14
CA SER B 76 8.68 -4.83 16.93
C SER B 76 9.20 -4.37 18.30
N LEU B 77 9.95 -5.24 18.97
CA LEU B 77 10.51 -4.91 20.30
C LEU B 77 11.51 -3.76 20.19
N TYR B 78 12.20 -3.70 19.06
CA TYR B 78 13.19 -2.65 18.82
C TYR B 78 12.49 -1.30 18.63
N GLU B 79 11.35 -1.32 17.94
CA GLU B 79 10.58 -0.11 17.67
C GLU B 79 9.70 0.35 18.81
N ASP B 80 9.11 -0.60 19.53
CA ASP B 80 8.18 -0.25 20.59
C ASP B 80 8.39 -0.89 21.96
N LYS B 81 9.59 -0.81 22.50
CA LYS B 81 9.82 -1.41 23.81
C LYS B 81 8.90 -0.79 24.87
N ASP B 82 8.55 0.48 24.71
CA ASP B 82 7.66 1.11 25.68
C ASP B 82 6.31 0.39 25.75
N ALA B 83 5.83 -0.09 24.61
CA ALA B 83 4.55 -0.81 24.56
C ALA B 83 4.65 -2.12 25.33
N TYR B 84 5.75 -2.83 25.11
CA TYR B 84 5.93 -4.14 25.76
C TYR B 84 6.17 -3.97 27.25
N ASP B 85 6.86 -2.90 27.65
CA ASP B 85 7.09 -2.66 29.08
C ASP B 85 5.79 -2.30 29.78
N LYS B 86 5.03 -1.37 29.21
CA LYS B 86 3.78 -0.94 29.82
C LYS B 86 2.76 -2.06 29.92
N SER B 87 2.69 -2.88 28.89
CA SER B 87 1.75 -3.99 28.85
C SER B 87 2.21 -5.20 29.69
N GLY B 88 3.43 -5.12 30.24
CA GLY B 88 3.96 -6.22 31.03
C GLY B 88 4.26 -7.45 30.19
N GLN B 89 4.40 -7.27 28.88
CA GLN B 89 4.66 -8.38 27.97
C GLN B 89 6.11 -8.54 27.49
N THR B 90 6.98 -7.61 27.88
CA THR B 90 8.38 -7.63 27.50
C THR B 90 9.05 -8.98 27.76
N LYS B 91 8.88 -9.51 28.97
CA LYS B 91 9.49 -10.78 29.31
C LYS B 91 9.05 -11.91 28.38
N TYR B 92 7.76 -11.95 28.06
CA TYR B 92 7.25 -13.00 27.19
C TYR B 92 7.73 -12.92 25.75
N ILE B 93 7.77 -11.75 25.15
CA ILE B 93 8.23 -11.71 23.77
C ILE B 93 9.73 -11.97 23.70
N MET B 94 10.47 -11.54 24.72
CA MET B 94 11.91 -11.80 24.73
C MET B 94 12.15 -13.31 24.85
N ASP B 95 11.35 -13.99 25.66
CA ASP B 95 11.52 -15.44 25.80
C ASP B 95 11.24 -16.12 24.45
N GLY B 96 10.25 -15.61 23.71
CA GLY B 96 9.92 -16.19 22.41
C GLY B 96 11.03 -15.93 21.40
N ILE B 97 11.57 -14.71 21.41
CA ILE B 97 12.66 -14.37 20.50
C ILE B 97 13.86 -15.27 20.80
N LYS B 98 14.13 -15.48 22.08
CA LYS B 98 15.25 -16.33 22.46
C LYS B 98 15.00 -17.81 22.12
N TRP B 99 13.75 -18.25 22.19
CA TRP B 99 13.42 -19.63 21.87
C TRP B 99 13.79 -19.94 20.41
N ALA B 100 13.40 -19.06 19.51
CA ALA B 100 13.70 -19.26 18.10
C ALA B 100 15.21 -19.16 17.85
N ASN B 101 15.83 -18.11 18.38
CA ASN B 101 17.25 -17.92 18.15
C ASN B 101 18.20 -18.94 18.81
N ASP B 102 17.81 -19.50 19.94
CA ASP B 102 18.64 -20.53 20.58
C ASP B 102 18.69 -21.72 19.62
N TYR B 103 17.58 -21.96 18.93
CA TYR B 103 17.51 -23.08 17.97
C TYR B 103 18.34 -22.76 16.72
N PHE B 104 18.26 -21.54 16.21
CA PHE B 104 19.06 -21.19 15.02
C PHE B 104 20.55 -21.31 15.31
N ILE B 105 20.94 -21.02 16.55
CA ILE B 105 22.34 -21.14 16.94
C ILE B 105 22.73 -22.62 16.87
N LYS B 106 21.84 -23.50 17.35
CA LYS B 106 22.09 -24.94 17.32
C LYS B 106 22.22 -25.44 15.88
N CYS B 107 21.49 -24.79 14.98
CA CYS B 107 21.49 -25.16 13.56
C CYS B 107 22.75 -24.75 12.82
N ASN B 108 23.60 -23.96 13.48
CA ASN B 108 24.87 -23.48 12.89
C ASN B 108 25.96 -24.01 13.84
N PRO B 109 26.07 -25.35 13.97
CA PRO B 109 27.04 -26.02 14.85
C PRO B 109 28.51 -25.79 14.55
N THR B 110 28.83 -25.50 13.30
CA THR B 110 30.21 -25.25 12.90
C THR B 110 30.13 -24.25 11.74
N PRO B 111 31.14 -23.37 11.62
CA PRO B 111 31.13 -22.37 10.54
C PRO B 111 30.96 -23.02 9.18
N GLY B 112 30.05 -22.47 8.37
CA GLY B 112 29.83 -23.01 7.03
C GLY B 112 28.76 -24.07 6.92
N VAL B 113 28.15 -24.42 8.04
CA VAL B 113 27.11 -25.43 8.04
C VAL B 113 25.84 -24.90 8.69
N TYR B 114 24.71 -25.03 7.99
CA TYR B 114 23.44 -24.56 8.54
C TYR B 114 22.29 -25.52 8.29
N TYR B 115 21.69 -26.00 9.37
CA TYR B 115 20.53 -26.88 9.24
C TYR B 115 19.33 -25.95 9.10
N TYR B 116 18.57 -26.14 8.04
CA TYR B 116 17.46 -25.27 7.73
C TYR B 116 16.09 -25.90 7.85
N GLN B 117 16.04 -27.17 8.21
CA GLN B 117 14.75 -27.85 8.35
C GLN B 117 14.85 -29.14 9.14
N VAL B 118 13.82 -29.39 9.95
CA VAL B 118 13.74 -30.63 10.69
C VAL B 118 12.32 -31.11 10.45
N GLY B 119 12.21 -32.30 9.89
CA GLY B 119 10.91 -32.87 9.57
C GLY B 119 10.75 -32.90 8.05
N ASP B 120 10.01 -33.89 7.57
CA ASP B 120 9.71 -34.08 6.14
C ASP B 120 8.23 -33.71 5.96
N GLY B 121 7.95 -32.76 5.08
CA GLY B 121 6.57 -32.34 4.85
C GLY B 121 5.61 -33.49 4.59
N GLY B 122 6.02 -34.40 3.72
CA GLY B 122 5.20 -35.55 3.37
C GLY B 122 4.94 -36.48 4.53
N LYS B 123 5.98 -36.79 5.30
CA LYS B 123 5.83 -37.70 6.42
C LYS B 123 5.07 -37.05 7.58
N ASP B 124 5.34 -35.78 7.82
CA ASP B 124 4.72 -35.07 8.92
C ASP B 124 3.22 -34.82 8.72
N HIS B 125 2.84 -34.39 7.53
CA HIS B 125 1.44 -34.07 7.25
C HIS B 125 0.52 -35.28 7.10
N SER B 126 1.11 -36.46 6.90
CA SER B 126 0.33 -37.67 6.73
C SER B 126 -0.18 -38.28 8.05
N TRP B 127 0.02 -37.57 9.17
CA TRP B 127 -0.47 -38.05 10.47
C TRP B 127 -1.14 -36.88 11.18
N TRP B 128 -2.34 -37.11 11.72
CA TRP B 128 -3.07 -36.06 12.41
C TRP B 128 -3.16 -36.38 13.90
N GLY B 129 -2.24 -35.80 14.67
CA GLY B 129 -2.22 -36.07 16.10
C GLY B 129 -1.36 -35.04 16.80
N PRO B 130 -1.31 -35.08 18.14
CA PRO B 130 -0.53 -34.14 18.94
C PRO B 130 0.99 -34.32 18.86
N ALA B 131 1.71 -33.20 18.87
CA ALA B 131 3.17 -33.18 18.76
C ALA B 131 3.90 -34.13 19.70
N GLU B 132 3.46 -34.17 20.95
CA GLU B 132 4.07 -35.00 21.98
C GLU B 132 4.19 -36.48 21.66
N VAL B 133 3.33 -37.01 20.80
CA VAL B 133 3.44 -38.44 20.51
C VAL B 133 3.71 -38.82 19.06
N MET B 134 4.32 -37.91 18.30
CA MET B 134 4.68 -38.17 16.91
C MET B 134 5.53 -39.44 16.90
N GLN B 135 5.33 -40.32 15.92
CA GLN B 135 6.12 -41.55 15.87
C GLN B 135 6.99 -41.67 14.61
N MET B 136 6.77 -40.79 13.64
CA MET B 136 7.50 -40.85 12.37
C MET B 136 8.91 -40.25 12.38
N GLU B 137 9.69 -40.63 11.38
CA GLU B 137 11.05 -40.10 11.25
C GLU B 137 10.95 -38.60 11.01
N ARG B 138 11.95 -37.87 11.48
CA ARG B 138 11.99 -36.42 11.32
C ARG B 138 13.40 -36.02 10.85
N PRO B 139 13.68 -36.23 9.56
CA PRO B 139 14.99 -35.90 9.00
C PRO B 139 15.42 -34.44 9.10
N SER B 140 16.73 -34.25 9.23
CA SER B 140 17.35 -32.93 9.32
C SER B 140 18.01 -32.63 7.97
N PHE B 141 17.92 -31.38 7.51
CA PHE B 141 18.49 -30.97 6.23
C PHE B 141 19.39 -29.77 6.41
N LYS B 142 20.48 -29.70 5.64
CA LYS B 142 21.39 -28.58 5.76
C LYS B 142 21.85 -28.04 4.42
N VAL B 143 22.38 -26.82 4.47
CA VAL B 143 22.95 -26.16 3.31
C VAL B 143 24.37 -25.82 3.71
N ASP B 144 25.22 -25.64 2.72
CA ASP B 144 26.61 -25.28 2.95
C ASP B 144 27.11 -24.65 1.65
N ALA B 145 28.41 -24.41 1.56
CA ALA B 145 28.97 -23.79 0.37
C ALA B 145 28.64 -24.56 -0.91
N SER B 146 28.59 -25.89 -0.82
CA SER B 146 28.31 -26.72 -1.99
C SER B 146 26.83 -26.86 -2.31
N LYS B 147 25.97 -26.64 -1.31
CA LYS B 147 24.52 -26.74 -1.49
C LYS B 147 24.00 -25.52 -0.75
N PRO B 148 24.08 -24.34 -1.37
CA PRO B 148 23.63 -23.07 -0.79
C PRO B 148 22.16 -22.80 -0.52
N GLY B 149 21.92 -21.96 0.49
CA GLY B 149 20.59 -21.54 0.86
C GLY B 149 20.67 -20.08 1.28
N SER B 150 20.95 -19.18 0.33
CA SER B 150 21.09 -17.76 0.66
C SER B 150 19.90 -17.14 1.38
N ALA B 151 18.71 -17.40 0.87
CA ALA B 151 17.52 -16.84 1.49
C ALA B 151 17.35 -17.28 2.95
N VAL B 152 17.39 -18.58 3.22
CA VAL B 152 17.20 -19.04 4.59
C VAL B 152 18.37 -18.68 5.52
N CYS B 153 19.60 -18.70 4.99
CA CYS B 153 20.75 -18.35 5.81
C CYS B 153 20.71 -16.87 6.18
N ALA B 154 20.38 -16.01 5.21
CA ALA B 154 20.30 -14.58 5.44
C ALA B 154 19.12 -14.22 6.35
N SER B 155 17.99 -14.91 6.15
CA SER B 155 16.80 -14.67 6.98
C SER B 155 17.15 -15.02 8.44
N THR B 156 17.92 -16.09 8.62
CA THR B 156 18.32 -16.48 9.96
C THR B 156 19.34 -15.50 10.53
N ALA B 157 20.27 -15.02 9.70
CA ALA B 157 21.23 -14.02 10.15
C ALA B 157 20.48 -12.80 10.65
N ALA B 158 19.42 -12.42 9.93
CA ALA B 158 18.60 -11.26 10.30
C ALA B 158 17.95 -11.49 11.66
N SER B 159 17.41 -12.69 11.86
CA SER B 159 16.78 -13.01 13.14
C SER B 159 17.81 -12.91 14.26
N LEU B 160 18.96 -13.55 14.06
CA LEU B 160 20.02 -13.53 15.07
C LEU B 160 20.52 -12.12 15.35
N ALA B 161 20.71 -11.34 14.28
CA ALA B 161 21.20 -9.96 14.42
C ALA B 161 20.17 -9.08 15.12
N SER B 162 18.90 -9.19 14.73
CA SER B 162 17.87 -8.40 15.41
C SER B 162 17.75 -8.85 16.88
N ALA B 163 17.99 -10.13 17.14
CA ALA B 163 17.91 -10.60 18.53
C ALA B 163 19.04 -9.91 19.31
N ALA B 164 20.21 -9.82 18.70
CA ALA B 164 21.34 -9.17 19.34
C ALA B 164 21.00 -7.72 19.70
N VAL B 165 20.38 -7.01 18.75
CA VAL B 165 19.99 -5.62 18.99
C VAL B 165 19.12 -5.47 20.24
N VAL B 166 18.08 -6.28 20.37
CA VAL B 166 17.18 -6.17 21.51
C VAL B 166 17.62 -6.83 22.81
N PHE B 167 18.63 -7.71 22.74
CA PHE B 167 19.15 -8.39 23.93
C PHE B 167 20.46 -7.80 24.45
N LYS B 168 21.09 -6.95 23.65
CA LYS B 168 22.37 -6.35 24.02
C LYS B 168 22.39 -5.75 25.42
N SER B 169 21.37 -4.95 25.72
CA SER B 169 21.27 -4.27 27.00
C SER B 169 21.12 -5.18 28.22
N SER B 170 20.30 -6.23 28.13
CA SER B 170 20.07 -7.14 29.25
C SER B 170 21.09 -8.28 29.34
N ASP B 171 21.61 -8.71 28.21
CA ASP B 171 22.70 -9.69 28.26
C ASP B 171 23.51 -9.72 26.99
N PRO B 172 24.59 -8.93 27.01
CA PRO B 172 25.59 -8.73 25.96
C PRO B 172 26.26 -10.01 25.51
N THR B 173 26.44 -10.94 26.44
CA THR B 173 27.07 -12.22 26.11
C THR B 173 26.22 -12.99 25.10
N TYR B 174 24.90 -13.01 25.32
CA TYR B 174 24.02 -13.68 24.38
C TYR B 174 24.00 -12.90 23.08
N ALA B 175 23.93 -11.57 23.18
CA ALA B 175 23.90 -10.74 21.98
C ALA B 175 25.18 -10.99 21.18
N GLU B 176 26.29 -11.11 21.88
CA GLU B 176 27.59 -11.35 21.25
C GLU B 176 27.57 -12.70 20.53
N LYS B 177 26.99 -13.72 21.17
CA LYS B 177 26.92 -15.04 20.57
C LYS B 177 26.04 -15.00 19.31
N CYS B 178 24.89 -14.32 19.40
CA CYS B 178 23.99 -14.22 18.26
C CYS B 178 24.68 -13.57 17.06
N ILE B 179 25.41 -12.49 17.33
CA ILE B 179 26.12 -11.80 16.25
C ILE B 179 27.13 -12.71 15.56
N SER B 180 27.85 -13.49 16.36
CA SER B 180 28.85 -14.40 15.84
C SER B 180 28.22 -15.36 14.81
N HIS B 181 27.10 -15.98 15.16
CA HIS B 181 26.44 -16.90 14.23
C HIS B 181 25.77 -16.15 13.09
N ALA B 182 25.28 -14.93 13.35
CA ALA B 182 24.64 -14.14 12.31
C ALA B 182 25.65 -13.81 11.20
N LYS B 183 26.87 -13.48 11.60
CA LYS B 183 27.92 -13.15 10.65
C LYS B 183 28.30 -14.33 9.75
N ASN B 184 28.34 -15.53 10.33
CA ASN B 184 28.70 -16.69 9.53
C ASN B 184 27.61 -17.04 8.50
N LEU B 185 26.36 -17.00 8.95
CA LEU B 185 25.24 -17.33 8.07
C LEU B 185 25.10 -16.28 6.97
N PHE B 186 25.32 -15.03 7.32
CA PHE B 186 25.24 -13.96 6.34
C PHE B 186 26.37 -14.13 5.32
N ASP B 187 27.57 -14.43 5.78
CA ASP B 187 28.69 -14.61 4.87
C ASP B 187 28.39 -15.79 3.93
N MET B 188 27.82 -16.86 4.46
CA MET B 188 27.49 -18.02 3.63
C MET B 188 26.52 -17.58 2.52
N ALA B 189 25.47 -16.88 2.92
CA ALA B 189 24.44 -16.42 2.00
C ALA B 189 24.98 -15.44 0.95
N ASP B 190 25.80 -14.51 1.42
CA ASP B 190 26.41 -13.48 0.59
C ASP B 190 27.34 -14.05 -0.49
N LYS B 191 28.21 -14.96 -0.09
CA LYS B 191 29.13 -15.55 -1.05
C LYS B 191 28.44 -16.46 -2.06
N ALA B 192 27.45 -17.21 -1.62
CA ALA B 192 26.77 -18.15 -2.51
C ALA B 192 25.79 -17.53 -3.50
N LYS B 193 25.01 -16.56 -3.05
CA LYS B 193 24.00 -15.92 -3.89
C LYS B 193 23.23 -16.98 -4.68
N SER B 194 22.68 -17.96 -3.96
CA SER B 194 21.90 -19.01 -4.58
C SER B 194 21.08 -19.78 -3.58
N ASP B 195 19.91 -20.26 -4.01
CA ASP B 195 19.05 -21.07 -3.14
C ASP B 195 19.04 -22.50 -3.66
N ALA B 196 20.00 -22.84 -4.52
CA ALA B 196 20.07 -24.17 -5.12
C ALA B 196 20.00 -25.35 -4.14
N GLY B 197 20.64 -25.21 -2.99
CA GLY B 197 20.61 -26.29 -2.01
C GLY B 197 19.42 -26.27 -1.05
N TYR B 198 18.58 -25.23 -1.16
CA TYR B 198 17.41 -25.10 -0.30
C TYR B 198 16.29 -25.88 -0.98
N THR B 199 16.21 -27.17 -0.71
CA THR B 199 15.25 -28.02 -1.40
C THR B 199 14.18 -28.72 -0.56
N ALA B 200 14.49 -29.03 0.69
CA ALA B 200 13.53 -29.75 1.54
C ALA B 200 12.21 -29.02 1.75
N ALA B 201 12.20 -27.71 1.56
CA ALA B 201 10.99 -26.91 1.74
C ALA B 201 10.19 -26.67 0.45
N SER B 202 10.66 -27.21 -0.67
CA SER B 202 9.99 -27.02 -1.95
C SER B 202 8.48 -27.33 -1.89
N GLY B 203 7.67 -26.38 -2.33
CA GLY B 203 6.23 -26.58 -2.32
C GLY B 203 5.59 -26.15 -1.00
N TYR B 204 6.42 -25.91 0.00
CA TYR B 204 5.93 -25.45 1.30
C TYR B 204 6.38 -24.01 1.47
N TYR B 205 7.69 -23.81 1.38
CA TYR B 205 8.25 -22.48 1.52
C TYR B 205 9.38 -22.25 0.51
N SER B 206 9.08 -22.52 -0.76
CA SER B 206 10.05 -22.29 -1.84
C SER B 206 10.46 -20.83 -1.79
N SER B 207 11.74 -20.56 -2.06
CA SER B 207 12.25 -19.20 -2.05
C SER B 207 12.25 -18.62 -3.45
N SER B 208 11.59 -17.48 -3.63
CA SER B 208 11.56 -16.84 -4.93
C SER B 208 12.53 -15.66 -4.99
N SER B 209 13.32 -15.47 -3.93
CA SER B 209 14.24 -14.34 -3.89
C SER B 209 15.18 -14.40 -2.69
N PHE B 210 16.41 -13.92 -2.86
CA PHE B 210 17.37 -13.90 -1.76
C PHE B 210 18.09 -12.56 -1.61
N TYR B 211 18.04 -11.72 -2.64
CA TYR B 211 18.69 -10.41 -2.55
C TYR B 211 17.99 -9.55 -1.52
N ASP B 212 16.68 -9.77 -1.36
CA ASP B 212 15.91 -9.05 -0.37
C ASP B 212 16.38 -9.50 1.03
N ASP B 213 16.56 -10.79 1.21
CA ASP B 213 17.03 -11.31 2.48
C ASP B 213 18.43 -10.82 2.78
N LEU B 214 19.26 -10.73 1.75
CA LEU B 214 20.63 -10.23 1.97
C LEU B 214 20.60 -8.80 2.50
N SER B 215 19.77 -7.93 1.92
CA SER B 215 19.68 -6.54 2.39
C SER B 215 19.13 -6.50 3.82
N TRP B 216 18.07 -7.22 4.09
CA TRP B 216 17.37 -7.34 5.38
C TRP B 216 18.38 -7.80 6.44
N ALA B 217 19.17 -8.84 6.14
CA ALA B 217 20.18 -9.33 7.07
C ALA B 217 21.28 -8.30 7.30
N ALA B 218 21.73 -7.66 6.22
CA ALA B 218 22.79 -6.66 6.30
C ALA B 218 22.35 -5.49 7.16
N VAL B 219 21.10 -5.06 6.98
CA VAL B 219 20.58 -3.95 7.76
C VAL B 219 20.61 -4.31 9.25
N TRP B 220 20.16 -5.51 9.58
CA TRP B 220 20.17 -5.87 11.00
C TRP B 220 21.57 -6.05 11.57
N LEU B 221 22.50 -6.55 10.78
CA LEU B 221 23.87 -6.70 11.25
C LEU B 221 24.47 -5.32 11.51
N TYR B 222 24.09 -4.36 10.67
CA TYR B 222 24.56 -2.98 10.86
C TYR B 222 24.07 -2.45 12.20
N LEU B 223 22.78 -2.66 12.51
CA LEU B 223 22.20 -2.19 13.76
C LEU B 223 22.79 -2.89 14.99
N ALA B 224 23.17 -4.15 14.83
CA ALA B 224 23.74 -4.93 15.92
C ALA B 224 25.23 -4.67 16.16
N THR B 225 25.94 -4.28 15.10
CA THR B 225 27.38 -4.08 15.20
C THR B 225 27.84 -2.63 15.08
N ASN B 226 27.02 -1.80 14.45
CA ASN B 226 27.34 -0.40 14.20
C ASN B 226 28.49 -0.29 13.21
N ASP B 227 28.68 -1.34 12.43
CA ASP B 227 29.75 -1.38 11.43
C ASP B 227 29.12 -1.05 10.07
N SER B 228 29.43 0.13 9.53
CA SER B 228 28.87 0.56 8.26
C SER B 228 29.18 -0.37 7.08
N THR B 229 30.11 -1.29 7.27
CA THR B 229 30.44 -2.26 6.24
C THR B 229 29.13 -2.91 5.81
N TYR B 230 28.30 -3.26 6.78
CA TYR B 230 27.03 -3.91 6.50
C TYR B 230 26.00 -3.00 5.88
N LEU B 231 26.05 -1.71 6.19
CA LEU B 231 25.09 -0.80 5.58
C LEU B 231 25.37 -0.72 4.07
N ASP B 232 26.66 -0.64 3.71
CA ASP B 232 27.05 -0.58 2.30
C ASP B 232 26.58 -1.83 1.59
N LYS B 233 26.75 -3.00 2.22
CA LYS B 233 26.32 -4.24 1.60
C LYS B 233 24.81 -4.24 1.37
N ALA B 234 24.05 -3.79 2.38
CA ALA B 234 22.60 -3.76 2.26
C ALA B 234 22.13 -2.95 1.07
N GLU B 235 22.77 -1.80 0.85
CA GLU B 235 22.40 -0.92 -0.25
C GLU B 235 22.84 -1.50 -1.59
N SER B 236 23.96 -2.22 -1.59
CA SER B 236 24.48 -2.80 -2.82
C SER B 236 23.59 -3.82 -3.50
N TYR B 237 22.72 -4.48 -2.74
CA TYR B 237 21.83 -5.48 -3.32
C TYR B 237 20.57 -4.90 -3.96
N VAL B 238 20.23 -3.65 -3.62
CA VAL B 238 19.01 -3.02 -4.13
C VAL B 238 18.73 -3.15 -5.63
N PRO B 239 19.75 -2.95 -6.49
CA PRO B 239 19.57 -3.06 -7.96
C PRO B 239 19.09 -4.45 -8.37
N ASN B 240 19.39 -5.44 -7.53
CA ASN B 240 19.01 -6.81 -7.81
C ASN B 240 17.68 -7.25 -7.17
N TRP B 241 17.02 -6.34 -6.46
CA TRP B 241 15.73 -6.69 -5.86
C TRP B 241 14.73 -6.80 -7.01
N GLY B 242 13.65 -7.53 -6.79
CA GLY B 242 12.64 -7.67 -7.84
C GLY B 242 12.05 -6.31 -8.19
N LYS B 243 11.66 -6.14 -9.45
CA LYS B 243 11.08 -4.87 -9.88
C LYS B 243 9.66 -5.06 -10.38
N GLU B 244 8.97 -3.96 -10.65
CA GLU B 244 7.61 -4.05 -11.17
C GLU B 244 7.66 -4.40 -12.64
N GLN B 245 7.01 -5.50 -12.99
CA GLN B 245 6.94 -6.04 -14.35
C GLN B 245 7.14 -5.09 -15.54
N GLN B 246 6.24 -4.12 -15.70
CA GLN B 246 6.33 -3.22 -16.85
C GLN B 246 7.15 -1.95 -16.68
N THR B 247 7.99 -1.90 -15.64
CA THR B 247 8.84 -0.74 -15.41
C THR B 247 10.22 -1.22 -14.94
N ASP B 248 11.01 -0.30 -14.39
CA ASP B 248 12.34 -0.60 -13.87
C ASP B 248 12.36 -0.07 -12.43
N ILE B 249 11.17 -0.06 -11.84
CA ILE B 249 10.93 0.43 -10.48
C ILE B 249 10.95 -0.75 -9.51
N ILE B 250 11.46 -0.52 -8.31
CA ILE B 250 11.50 -1.56 -7.28
C ILE B 250 10.07 -2.03 -7.02
N ALA B 251 9.87 -3.34 -6.98
CA ALA B 251 8.53 -3.89 -6.74
C ALA B 251 7.82 -3.21 -5.58
N TYR B 252 6.53 -2.97 -5.72
CA TYR B 252 5.77 -2.34 -4.67
C TYR B 252 4.32 -2.84 -4.56
N LYS B 253 3.94 -3.80 -5.41
CA LYS B 253 2.55 -4.27 -5.36
C LYS B 253 2.27 -5.52 -4.51
N TRP B 254 3.20 -5.86 -3.62
CA TRP B 254 3.00 -7.00 -2.74
C TRP B 254 3.17 -6.48 -1.31
N GLY B 255 3.71 -7.29 -0.41
CA GLY B 255 3.90 -6.85 0.96
C GLY B 255 4.93 -7.67 1.71
N GLN B 256 5.38 -7.14 2.85
CA GLN B 256 6.36 -7.81 3.70
C GLN B 256 5.85 -9.20 4.04
N CYS B 257 6.66 -10.23 3.82
CA CYS B 257 6.27 -11.59 4.17
C CYS B 257 7.52 -12.49 4.23
N TRP B 258 7.34 -13.73 4.65
CA TRP B 258 8.46 -14.65 4.79
C TRP B 258 9.31 -14.81 3.53
N ASP B 259 8.68 -14.64 2.36
CA ASP B 259 9.38 -14.81 1.08
C ASP B 259 9.89 -13.51 0.48
N ASP B 260 9.39 -12.38 0.97
CA ASP B 260 9.79 -11.07 0.46
C ASP B 260 9.94 -10.02 1.56
N VAL B 261 11.18 -9.77 1.93
CA VAL B 261 11.48 -8.82 3.00
C VAL B 261 12.09 -7.52 2.50
N HIS B 262 12.03 -7.22 1.21
CA HIS B 262 12.62 -5.96 0.75
C HIS B 262 11.82 -4.75 1.22
N TYR B 263 10.55 -4.98 1.58
CA TYR B 263 9.72 -3.89 2.08
C TYR B 263 10.24 -3.44 3.45
N GLY B 264 10.53 -4.42 4.31
CA GLY B 264 11.07 -4.08 5.62
C GLY B 264 12.46 -3.50 5.47
N ALA B 265 13.27 -4.08 4.59
CA ALA B 265 14.62 -3.58 4.38
C ALA B 265 14.65 -2.13 3.89
N GLU B 266 13.81 -1.80 2.91
CA GLU B 266 13.79 -0.43 2.38
C GLU B 266 13.22 0.56 3.39
N LEU B 267 12.31 0.10 4.24
CA LEU B 267 11.73 0.98 5.24
C LEU B 267 12.85 1.37 6.20
N LEU B 268 13.61 0.38 6.66
CA LEU B 268 14.71 0.64 7.58
C LEU B 268 15.83 1.43 6.91
N LEU B 269 16.11 1.13 5.64
CA LEU B 269 17.15 1.87 4.93
C LEU B 269 16.79 3.35 4.79
N ALA B 270 15.50 3.64 4.66
CA ALA B 270 15.05 5.03 4.55
C ALA B 270 15.30 5.74 5.89
N LYS B 271 15.00 5.06 6.99
CA LYS B 271 15.20 5.64 8.31
C LYS B 271 16.69 5.79 8.66
N LEU B 272 17.51 4.87 8.17
CA LEU B 272 18.93 4.89 8.46
C LEU B 272 19.78 5.78 7.54
N THR B 273 19.33 6.02 6.32
CA THR B 273 20.11 6.84 5.40
C THR B 273 19.43 8.13 4.97
N ASN B 274 18.11 8.20 5.12
CA ASN B 274 17.35 9.39 4.70
C ASN B 274 17.41 9.54 3.17
N LYS B 275 17.80 8.48 2.46
CA LYS B 275 17.86 8.54 1.00
C LYS B 275 16.50 8.48 0.35
N GLN B 276 16.30 9.36 -0.63
CA GLN B 276 15.05 9.48 -1.34
C GLN B 276 14.56 8.18 -1.97
N LEU B 277 15.48 7.42 -2.55
CA LEU B 277 15.13 6.16 -3.19
C LEU B 277 14.30 5.26 -2.28
N TYR B 278 14.74 5.12 -1.03
CA TYR B 278 14.06 4.20 -0.11
C TYR B 278 12.76 4.84 0.38
N LYS B 279 12.76 6.15 0.59
CA LYS B 279 11.55 6.84 1.01
C LYS B 279 10.49 6.67 -0.08
N ASP B 280 10.89 6.91 -1.34
CA ASP B 280 9.96 6.77 -2.45
C ASP B 280 9.42 5.35 -2.57
N SER B 281 10.33 4.39 -2.44
CA SER B 281 9.97 2.98 -2.56
C SER B 281 8.97 2.50 -1.51
N ILE B 282 9.26 2.71 -0.23
CA ILE B 282 8.32 2.27 0.80
C ILE B 282 6.99 3.02 0.71
N GLU B 283 7.03 4.32 0.41
CA GLU B 283 5.78 5.07 0.29
C GLU B 283 4.96 4.58 -0.92
N MET B 284 5.63 4.13 -1.98
CA MET B 284 4.92 3.61 -3.14
C MET B 284 4.14 2.35 -2.70
N ASN B 285 4.80 1.51 -1.90
CA ASN B 285 4.16 0.30 -1.40
C ASN B 285 3.00 0.64 -0.45
N LEU B 286 3.25 1.52 0.52
CA LEU B 286 2.22 1.89 1.48
C LEU B 286 1.06 2.63 0.82
N ASP B 287 1.38 3.47 -0.17
CA ASP B 287 0.37 4.21 -0.89
C ASP B 287 -0.51 3.22 -1.67
N PHE B 288 0.12 2.21 -2.26
CA PHE B 288 -0.62 1.20 -3.02
C PHE B 288 -1.62 0.47 -2.11
N TRP B 289 -1.24 0.32 -0.85
CA TRP B 289 -2.07 -0.37 0.14
C TRP B 289 -3.13 0.52 0.77
N THR B 290 -3.04 1.82 0.52
CA THR B 290 -3.98 2.75 1.12
C THR B 290 -4.80 3.56 0.11
N THR B 291 -4.24 4.68 -0.34
CA THR B 291 -4.94 5.54 -1.28
C THR B 291 -4.77 5.13 -2.74
N GLY B 292 -3.77 4.28 -3.01
CA GLY B 292 -3.50 3.86 -4.37
C GLY B 292 -2.40 4.73 -4.96
N VAL B 293 -1.73 4.26 -6.02
CA VAL B 293 -0.67 5.04 -6.67
C VAL B 293 -0.50 4.72 -8.14
N ASN B 294 -0.31 5.76 -8.95
CA ASN B 294 -0.14 5.60 -10.39
C ASN B 294 -1.29 4.78 -10.99
N GLY B 295 -2.50 5.12 -10.58
CA GLY B 295 -3.69 4.44 -11.08
C GLY B 295 -3.79 2.97 -10.69
N THR B 296 -3.20 2.61 -9.54
CA THR B 296 -3.24 1.22 -9.07
C THR B 296 -3.41 1.13 -7.55
N ARG B 297 -4.23 0.19 -7.10
CA ARG B 297 -4.46 -0.01 -5.66
C ARG B 297 -4.78 -1.45 -5.31
N VAL B 298 -4.45 -1.85 -4.08
CA VAL B 298 -4.71 -3.20 -3.62
C VAL B 298 -6.23 -3.34 -3.50
N SER B 299 -6.75 -4.54 -3.72
CA SER B 299 -8.19 -4.74 -3.62
C SER B 299 -8.61 -4.58 -2.17
N TYR B 300 -9.84 -4.13 -1.98
CA TYR B 300 -10.40 -3.97 -0.64
C TYR B 300 -11.73 -4.70 -0.61
N THR B 301 -11.99 -5.44 0.48
CA THR B 301 -13.26 -6.14 0.60
C THR B 301 -14.32 -5.10 0.94
N PRO B 302 -15.60 -5.43 0.71
CA PRO B 302 -16.65 -4.48 1.03
C PRO B 302 -16.57 -3.97 2.47
N LYS B 303 -16.14 -4.83 3.38
CA LYS B 303 -16.04 -4.46 4.78
C LYS B 303 -14.74 -3.82 5.24
N GLY B 304 -13.84 -3.50 4.29
CA GLY B 304 -12.68 -2.66 4.65
C GLY B 304 -11.35 -3.42 4.78
N LEU B 305 -11.22 -4.71 4.42
CA LEU B 305 -9.96 -5.41 4.51
C LEU B 305 -9.11 -5.25 3.24
N ALA B 306 -7.88 -4.76 3.43
CA ALA B 306 -6.98 -4.70 2.28
C ALA B 306 -6.61 -6.13 1.96
N TRP B 307 -7.13 -6.60 0.84
CA TRP B 307 -7.00 -7.99 0.42
C TRP B 307 -5.96 -8.21 -0.69
N LEU B 308 -4.80 -8.75 -0.33
CA LEU B 308 -3.73 -8.99 -1.30
C LEU B 308 -4.04 -10.18 -2.20
N PHE B 309 -4.45 -11.28 -1.57
CA PHE B 309 -4.85 -12.47 -2.31
C PHE B 309 -5.38 -13.56 -1.38
N GLN B 310 -5.81 -14.67 -1.97
CA GLN B 310 -6.43 -15.78 -1.27
C GLN B 310 -5.75 -16.37 -0.01
N TRP B 311 -4.44 -16.58 -0.05
CA TRP B 311 -3.75 -17.18 1.08
C TRP B 311 -3.28 -16.19 2.15
N GLY B 312 -3.77 -16.40 3.37
CA GLY B 312 -3.40 -15.53 4.47
C GLY B 312 -3.65 -14.06 4.21
N SER B 313 -4.87 -13.68 3.84
CA SER B 313 -5.18 -12.28 3.58
C SER B 313 -4.96 -11.44 4.85
N LEU B 314 -5.35 -11.97 6.00
CA LEU B 314 -5.18 -11.24 7.25
C LEU B 314 -3.69 -11.08 7.58
N ARG B 315 -2.92 -12.14 7.30
CA ARG B 315 -1.48 -12.12 7.51
C ARG B 315 -0.86 -10.94 6.74
N HIS B 316 -1.21 -10.81 5.47
CA HIS B 316 -0.66 -9.71 4.67
C HIS B 316 -1.14 -8.34 5.11
N ALA B 317 -2.43 -8.20 5.38
CA ALA B 317 -2.97 -6.90 5.79
C ALA B 317 -2.39 -6.43 7.13
N THR B 318 -2.35 -7.32 8.12
CA THR B 318 -1.83 -6.94 9.43
C THR B 318 -0.32 -6.69 9.42
N THR B 319 0.42 -7.33 8.51
CA THR B 319 1.85 -7.10 8.42
C THR B 319 2.07 -5.71 7.82
N GLN B 320 1.31 -5.37 6.79
CA GLN B 320 1.43 -4.04 6.18
C GLN B 320 1.00 -2.97 7.19
N ALA B 321 0.04 -3.32 8.06
CA ALA B 321 -0.42 -2.38 9.07
C ALA B 321 0.77 -2.00 9.96
N PHE B 322 1.58 -3.00 10.28
CA PHE B 322 2.76 -2.80 11.10
C PHE B 322 3.77 -1.87 10.42
N LEU B 323 4.11 -2.16 9.17
CA LEU B 323 5.06 -1.30 8.46
C LEU B 323 4.53 0.12 8.37
N ALA B 324 3.22 0.25 8.10
CA ALA B 324 2.60 1.57 7.99
C ALA B 324 2.74 2.31 9.33
N GLY B 325 2.53 1.60 10.43
CA GLY B 325 2.64 2.22 11.74
C GLY B 325 4.03 2.70 12.06
N VAL B 326 5.02 1.87 11.78
CA VAL B 326 6.41 2.22 12.02
C VAL B 326 6.81 3.41 11.17
N TYR B 327 6.51 3.33 9.87
CA TYR B 327 6.90 4.41 8.95
C TYR B 327 6.23 5.74 9.27
N ALA B 328 4.96 5.68 9.67
CA ALA B 328 4.19 6.88 9.98
C ALA B 328 4.79 7.68 11.12
N GLU B 329 5.45 7.00 12.06
CA GLU B 329 6.06 7.70 13.19
C GLU B 329 7.41 8.33 12.87
N TRP B 330 7.99 7.95 11.72
CA TRP B 330 9.29 8.49 11.33
C TRP B 330 9.17 9.92 10.80
N GLU B 331 10.06 10.79 11.26
CA GLU B 331 10.06 12.20 10.86
C GLU B 331 10.19 12.38 9.34
N GLY B 332 10.80 11.41 8.67
CA GLY B 332 10.97 11.51 7.23
C GLY B 332 9.76 11.18 6.37
N CYS B 333 8.71 10.63 6.98
CA CYS B 333 7.49 10.29 6.26
C CYS B 333 6.83 11.55 5.72
N THR B 334 6.32 11.48 4.48
CA THR B 334 5.63 12.61 3.89
C THR B 334 4.54 13.04 4.87
N PRO B 335 4.64 14.27 5.42
CA PRO B 335 3.66 14.78 6.38
C PRO B 335 2.20 14.49 6.07
N SER B 336 1.82 14.69 4.81
CA SER B 336 0.44 14.49 4.38
C SER B 336 -0.04 13.05 4.37
N LYS B 337 0.88 12.10 4.55
CA LYS B 337 0.50 10.69 4.53
C LYS B 337 0.46 10.04 5.91
N VAL B 338 0.98 10.73 6.91
CA VAL B 338 1.00 10.17 8.26
C VAL B 338 -0.37 9.68 8.74
N SER B 339 -1.39 10.53 8.63
CA SER B 339 -2.73 10.13 9.07
C SER B 339 -3.33 9.01 8.25
N VAL B 340 -3.05 9.00 6.94
CA VAL B 340 -3.56 7.93 6.09
C VAL B 340 -2.94 6.60 6.56
N TYR B 341 -1.64 6.61 6.83
CA TYR B 341 -0.96 5.40 7.27
C TYR B 341 -1.43 4.94 8.65
N LYS B 342 -1.59 5.87 9.60
CA LYS B 342 -2.04 5.48 10.93
C LYS B 342 -3.47 4.97 10.92
N ASP B 343 -4.31 5.54 10.05
CA ASP B 343 -5.70 5.09 9.96
C ASP B 343 -5.74 3.68 9.38
N PHE B 344 -4.82 3.39 8.46
CA PHE B 344 -4.71 2.09 7.82
C PHE B 344 -4.33 1.04 8.88
N LEU B 345 -3.36 1.40 9.70
CA LEU B 345 -2.91 0.52 10.77
C LEU B 345 -4.09 0.11 11.65
N LYS B 346 -4.88 1.09 12.08
CA LYS B 346 -6.01 0.80 12.93
C LYS B 346 -7.12 0.04 12.19
N SER B 347 -7.45 0.47 10.98
CA SER B 347 -8.51 -0.18 10.21
C SER B 347 -8.25 -1.67 10.01
N GLN B 348 -7.03 -2.00 9.59
CA GLN B 348 -6.72 -3.41 9.36
C GLN B 348 -6.66 -4.22 10.65
N ILE B 349 -6.07 -3.66 11.69
CA ILE B 349 -6.00 -4.38 12.96
C ILE B 349 -7.40 -4.58 13.54
N ASP B 350 -8.24 -3.55 13.44
CA ASP B 350 -9.60 -3.65 13.93
C ASP B 350 -10.41 -4.70 13.15
N TYR B 351 -10.11 -4.85 11.86
CA TYR B 351 -10.80 -5.87 11.04
C TYR B 351 -10.49 -7.26 11.61
N ALA B 352 -9.22 -7.49 11.90
CA ALA B 352 -8.78 -8.76 12.45
C ALA B 352 -9.39 -9.01 13.83
N LEU B 353 -9.49 -7.95 14.63
CA LEU B 353 -10.02 -8.08 16.00
C LEU B 353 -11.55 -8.12 16.16
N GLY B 354 -12.30 -7.50 15.25
CA GLY B 354 -13.75 -7.57 15.40
C GLY B 354 -14.62 -6.54 14.72
N SER B 355 -14.07 -5.73 13.83
CA SER B 355 -14.88 -4.70 13.20
C SER B 355 -16.03 -5.25 12.35
N THR B 356 -15.94 -6.49 11.87
CA THR B 356 -17.04 -7.04 11.09
C THR B 356 -18.09 -7.69 11.97
N GLY B 357 -17.85 -7.73 13.28
CA GLY B 357 -18.80 -8.34 14.17
C GLY B 357 -18.29 -9.60 14.81
N ARG B 358 -17.10 -10.03 14.41
CA ARG B 358 -16.48 -11.22 14.98
C ARG B 358 -14.97 -11.13 14.85
N SER B 359 -14.30 -11.81 15.77
CA SER B 359 -12.85 -11.84 15.82
C SER B 359 -12.28 -12.97 14.97
N PHE B 360 -11.11 -12.73 14.41
CA PHE B 360 -10.42 -13.73 13.60
C PHE B 360 -9.19 -14.23 14.36
N VAL B 361 -9.17 -13.93 15.66
CA VAL B 361 -8.09 -14.32 16.57
C VAL B 361 -8.63 -15.38 17.55
N VAL B 362 -8.03 -16.56 17.52
CA VAL B 362 -8.44 -17.65 18.39
C VAL B 362 -8.39 -17.25 19.87
N GLY B 363 -9.44 -17.61 20.60
CA GLY B 363 -9.51 -17.29 22.02
C GLY B 363 -9.58 -15.82 22.39
N TYR B 364 -10.01 -14.97 21.45
CA TYR B 364 -10.10 -13.53 21.70
C TYR B 364 -11.35 -12.90 21.12
N GLY B 365 -11.94 -11.96 21.85
CA GLY B 365 -13.11 -11.25 21.36
C GLY B 365 -14.42 -11.97 21.15
N VAL B 366 -15.26 -11.44 20.26
CA VAL B 366 -16.56 -12.04 19.99
C VAL B 366 -16.56 -13.10 18.90
N ASN B 367 -17.16 -14.25 19.19
CA ASN B 367 -17.26 -15.32 18.23
C ASN B 367 -15.93 -15.64 17.51
N PRO B 368 -14.84 -15.83 18.27
CA PRO B 368 -13.56 -16.12 17.60
C PRO B 368 -13.59 -17.49 16.90
N PRO B 369 -12.61 -17.75 16.01
CA PRO B 369 -12.57 -19.04 15.30
C PRO B 369 -12.47 -20.21 16.29
N GLN B 370 -13.28 -21.24 16.06
CA GLN B 370 -13.34 -22.42 16.92
C GLN B 370 -12.63 -23.65 16.35
N HIS B 371 -12.35 -23.64 15.06
CA HIS B 371 -11.73 -24.79 14.44
C HIS B 371 -10.49 -24.50 13.59
N PRO B 372 -9.49 -23.81 14.16
CA PRO B 372 -8.30 -23.53 13.35
C PRO B 372 -7.62 -24.83 12.93
N HIS B 373 -7.02 -24.85 11.74
CA HIS B 373 -6.34 -26.02 11.22
C HIS B 373 -5.05 -26.22 12.02
N HIS B 374 -5.15 -26.98 13.11
CA HIS B 374 -4.01 -27.20 14.01
C HIS B 374 -4.12 -28.56 14.70
N ARG B 375 -3.13 -29.42 14.46
CA ARG B 375 -3.13 -30.77 15.04
C ARG B 375 -3.16 -30.85 16.56
N THR B 376 -2.23 -30.19 17.22
CA THR B 376 -2.17 -30.28 18.68
C THR B 376 -3.30 -29.55 19.41
N ALA B 377 -3.76 -28.42 18.88
CA ALA B 377 -4.86 -27.70 19.52
C ALA B 377 -6.14 -28.52 19.39
N HIS B 378 -6.32 -29.19 18.25
CA HIS B 378 -7.49 -30.02 18.03
C HIS B 378 -7.45 -31.18 19.02
N GLY B 379 -6.33 -31.89 19.00
CA GLY B 379 -6.15 -33.01 19.93
C GLY B 379 -6.86 -34.31 19.62
N SER B 380 -6.76 -34.78 18.39
CA SER B 380 -7.37 -36.06 18.04
C SER B 380 -6.52 -37.17 18.65
N TRP B 381 -7.15 -38.24 19.14
CA TRP B 381 -6.39 -39.36 19.69
C TRP B 381 -6.55 -40.56 18.78
N THR B 382 -7.26 -40.38 17.66
CA THR B 382 -7.51 -41.45 16.70
C THR B 382 -7.04 -41.16 15.26
N ASP B 383 -6.14 -40.20 15.09
CA ASP B 383 -5.64 -39.85 13.76
C ASP B 383 -6.83 -39.53 12.85
N GLN B 384 -7.67 -38.60 13.31
CA GLN B 384 -8.84 -38.17 12.54
C GLN B 384 -9.05 -36.68 12.74
N MET B 385 -9.14 -35.96 11.65
CA MET B 385 -9.36 -34.53 11.70
C MET B 385 -10.79 -34.24 12.15
N THR B 386 -11.66 -35.24 12.02
CA THR B 386 -13.07 -35.09 12.36
C THR B 386 -13.47 -35.57 13.75
N SER B 387 -12.50 -36.06 14.51
CA SER B 387 -12.81 -36.57 15.84
C SER B 387 -11.71 -36.22 16.84
N PRO B 388 -12.07 -35.55 17.96
CA PRO B 388 -13.43 -35.11 18.34
C PRO B 388 -13.93 -34.04 17.38
N THR B 389 -15.22 -33.72 17.46
CA THR B 389 -15.85 -32.72 16.59
C THR B 389 -15.59 -31.28 17.02
N TYR B 390 -14.79 -31.11 18.08
CA TYR B 390 -14.45 -29.79 18.58
C TYR B 390 -12.97 -29.79 18.95
N HIS B 391 -12.39 -28.61 19.12
CA HIS B 391 -10.99 -28.49 19.51
C HIS B 391 -10.89 -28.67 21.02
N ARG B 392 -10.02 -29.56 21.48
CA ARG B 392 -9.91 -29.76 22.93
C ARG B 392 -9.13 -28.65 23.62
N HIS B 393 -8.33 -27.90 22.85
CA HIS B 393 -7.54 -26.79 23.41
C HIS B 393 -7.79 -25.48 22.67
N THR B 394 -7.57 -24.37 23.38
CA THR B 394 -7.73 -23.03 22.83
C THR B 394 -6.32 -22.47 22.58
N ILE B 395 -5.95 -22.35 21.31
CA ILE B 395 -4.63 -21.85 20.98
C ILE B 395 -4.73 -20.34 20.86
N TYR B 396 -4.74 -19.70 22.03
CA TYR B 396 -4.85 -18.25 22.18
C TYR B 396 -3.94 -17.42 21.31
N GLY B 397 -4.51 -16.38 20.69
CA GLY B 397 -3.72 -15.46 19.87
C GLY B 397 -3.54 -15.76 18.39
N ALA B 398 -3.79 -17.00 17.97
CA ALA B 398 -3.63 -17.39 16.57
C ALA B 398 -4.53 -16.59 15.60
N LEU B 399 -3.90 -15.98 14.60
CA LEU B 399 -4.63 -15.23 13.59
C LEU B 399 -4.87 -16.17 12.42
N VAL B 400 -6.14 -16.45 12.11
CA VAL B 400 -6.43 -17.35 11.00
C VAL B 400 -6.14 -16.67 9.66
N GLY B 401 -6.11 -17.47 8.60
CA GLY B 401 -5.83 -16.96 7.27
C GLY B 401 -6.70 -15.78 6.90
N GLY B 402 -8.00 -15.90 7.11
CA GLY B 402 -8.87 -14.79 6.78
C GLY B 402 -9.86 -15.08 5.69
N PRO B 403 -10.78 -14.14 5.42
CA PRO B 403 -11.83 -14.27 4.41
C PRO B 403 -11.41 -14.15 2.96
N ASP B 404 -12.35 -14.40 2.06
CA ASP B 404 -12.08 -14.26 0.64
C ASP B 404 -12.24 -12.77 0.35
N ASN B 405 -12.17 -12.39 -0.93
CA ASN B 405 -12.28 -10.98 -1.32
C ASN B 405 -13.65 -10.36 -1.08
N ALA B 406 -14.64 -11.16 -0.74
CA ALA B 406 -15.96 -10.63 -0.46
C ALA B 406 -16.31 -10.78 1.02
N ASP B 407 -15.30 -10.92 1.87
CA ASP B 407 -15.48 -11.08 3.32
C ASP B 407 -16.09 -12.41 3.69
N GLY B 408 -16.12 -13.34 2.73
CA GLY B 408 -16.66 -14.66 2.99
C GLY B 408 -15.69 -15.45 3.84
N TYR B 409 -16.18 -16.08 4.89
CA TYR B 409 -15.33 -16.86 5.78
C TYR B 409 -16.10 -18.01 6.42
N THR B 410 -15.51 -19.21 6.44
CA THR B 410 -16.16 -20.37 7.05
C THR B 410 -15.20 -21.03 8.03
N ASP B 411 -15.64 -21.17 9.27
CA ASP B 411 -14.84 -21.74 10.36
C ASP B 411 -14.95 -23.28 10.43
N GLU B 412 -14.12 -23.94 9.65
CA GLU B 412 -14.09 -25.40 9.61
C GLU B 412 -12.63 -25.84 9.72
N ILE B 413 -12.40 -26.97 10.35
CA ILE B 413 -11.04 -27.47 10.55
C ILE B 413 -10.28 -27.77 9.25
N ASN B 414 -10.97 -28.19 8.19
CA ASN B 414 -10.26 -28.45 6.96
C ASN B 414 -10.39 -27.36 5.91
N ASN B 415 -10.84 -26.19 6.34
CA ASN B 415 -10.78 -25.05 5.44
C ASN B 415 -9.38 -24.54 5.53
N TYR B 416 -8.46 -25.34 5.01
CA TYR B 416 -7.02 -25.12 5.17
C TYR B 416 -6.58 -23.85 4.43
N VAL B 417 -7.52 -23.01 3.97
CA VAL B 417 -7.21 -21.75 3.28
C VAL B 417 -7.72 -20.52 4.04
N ASN B 418 -8.84 -20.67 4.74
CA ASN B 418 -9.36 -19.54 5.50
C ASN B 418 -9.01 -19.73 6.96
N ASN B 419 -8.85 -20.98 7.38
CA ASN B 419 -8.58 -21.29 8.77
C ASN B 419 -7.19 -21.78 9.14
N GLU B 420 -6.21 -21.63 8.27
CA GLU B 420 -4.88 -22.07 8.63
C GLU B 420 -4.29 -21.04 9.60
N ILE B 421 -3.35 -21.48 10.44
CA ILE B 421 -2.68 -20.57 11.36
C ILE B 421 -1.19 -20.92 11.27
N ALA B 422 -0.33 -19.93 11.43
CA ALA B 422 1.10 -20.18 11.30
C ALA B 422 1.93 -19.05 11.90
N CYS B 423 3.17 -19.38 12.23
CA CYS B 423 4.10 -18.42 12.82
C CYS B 423 4.12 -17.08 12.07
N ASP B 424 4.32 -17.15 10.75
CA ASP B 424 4.41 -15.91 9.98
C ASP B 424 3.13 -15.07 9.97
N TYR B 425 1.98 -15.73 10.09
CA TYR B 425 0.69 -15.02 10.12
C TYR B 425 0.63 -14.08 11.33
N ASN B 426 1.21 -14.52 12.45
CA ASN B 426 1.19 -13.71 13.68
C ASN B 426 2.37 -12.76 13.89
N ALA B 427 3.39 -12.85 13.05
CA ALA B 427 4.57 -12.01 13.23
C ALA B 427 4.35 -10.50 13.10
N GLY B 428 3.98 -10.04 11.91
CA GLY B 428 3.72 -8.61 11.73
C GLY B 428 2.56 -8.18 12.59
N PHE B 429 1.58 -9.06 12.71
CA PHE B 429 0.39 -8.82 13.52
C PHE B 429 0.80 -8.38 14.94
N THR B 430 1.71 -9.13 15.56
CA THR B 430 2.16 -8.79 16.91
C THR B 430 2.72 -7.37 16.96
N GLY B 431 3.49 -7.01 15.92
CA GLY B 431 4.07 -5.68 15.85
C GLY B 431 3.00 -4.60 15.71
N ALA B 432 2.00 -4.86 14.86
CA ALA B 432 0.92 -3.91 14.66
C ALA B 432 0.11 -3.74 15.95
N LEU B 433 -0.09 -4.84 16.67
CA LEU B 433 -0.84 -4.79 17.92
C LEU B 433 -0.08 -3.97 18.95
N ALA B 434 1.24 -4.13 18.99
CA ALA B 434 2.04 -3.39 19.95
C ALA B 434 1.89 -1.89 19.64
N LYS B 435 1.86 -1.55 18.36
CA LYS B 435 1.72 -0.14 17.98
C LYS B 435 0.35 0.41 18.35
N MET B 436 -0.71 -0.38 18.13
CA MET B 436 -2.06 0.06 18.47
C MET B 436 -2.25 0.16 19.99
N TYR B 437 -1.63 -0.77 20.73
CA TYR B 437 -1.72 -0.71 22.19
C TYR B 437 -1.07 0.60 22.66
N LYS B 438 0.06 0.94 22.04
CA LYS B 438 0.77 2.18 22.39
C LYS B 438 -0.14 3.38 22.10
N HIS B 439 -0.86 3.32 20.99
CA HIS B 439 -1.76 4.40 20.58
C HIS B 439 -3.05 4.47 21.38
N SER B 440 -3.69 3.34 21.58
CA SER B 440 -5.00 3.31 22.22
C SER B 440 -5.21 2.47 23.47
N GLY B 441 -4.18 1.77 23.91
CA GLY B 441 -4.33 0.97 25.11
C GLY B 441 -5.17 -0.29 25.04
N GLY B 442 -5.76 -0.64 26.18
CA GLY B 442 -6.56 -1.84 26.32
C GLY B 442 -5.73 -2.71 27.26
N ASP B 443 -6.23 -2.99 28.46
CA ASP B 443 -5.46 -3.76 29.42
C ASP B 443 -5.39 -5.26 29.24
N PRO B 444 -4.17 -5.81 29.27
CA PRO B 444 -3.95 -7.25 29.13
C PRO B 444 -4.51 -7.92 30.38
N ILE B 445 -4.75 -9.22 30.32
CA ILE B 445 -5.24 -9.96 31.49
C ILE B 445 -4.01 -10.19 32.39
N PRO B 446 -4.06 -9.75 33.66
CA PRO B 446 -2.91 -9.95 34.54
C PRO B 446 -2.56 -11.43 34.82
N ASN B 447 -1.27 -11.74 34.72
CA ASN B 447 -0.77 -13.10 34.94
C ASN B 447 -1.62 -14.13 34.21
N PHE B 448 -1.91 -13.84 32.94
CA PHE B 448 -2.73 -14.74 32.13
C PHE B 448 -2.04 -16.06 31.87
N LYS B 449 -2.79 -17.14 31.99
CA LYS B 449 -2.25 -18.47 31.74
C LYS B 449 -3.28 -19.30 30.99
N ALA B 450 -2.81 -20.40 30.41
CA ALA B 450 -3.70 -21.28 29.67
C ALA B 450 -3.75 -22.64 30.35
N ILE B 451 -4.12 -22.64 31.63
CA ILE B 451 -4.26 -23.89 32.39
C ILE B 451 -5.71 -24.29 32.18
N GLU B 452 -5.93 -25.22 31.26
CA GLU B 452 -7.26 -25.66 30.92
C GLU B 452 -7.87 -26.72 31.81
N LYS B 453 -9.19 -26.67 31.91
CA LYS B 453 -9.92 -27.67 32.67
C LYS B 453 -9.89 -28.89 31.75
N ILE B 454 -9.73 -30.08 32.32
CA ILE B 454 -9.73 -31.29 31.53
C ILE B 454 -11.18 -31.57 31.16
N THR B 455 -11.50 -31.56 29.86
CA THR B 455 -12.88 -31.75 29.44
C THR B 455 -13.33 -33.14 29.03
N ASN B 456 -12.44 -34.12 29.06
CA ASN B 456 -12.84 -35.50 28.78
C ASN B 456 -11.94 -36.36 29.63
N ASP B 457 -12.46 -37.47 30.13
CA ASP B 457 -11.65 -38.37 30.95
C ASP B 457 -10.48 -38.82 30.08
N GLU B 458 -9.26 -38.60 30.58
CA GLU B 458 -8.04 -38.92 29.82
C GLU B 458 -7.73 -40.39 29.56
N VAL B 459 -8.10 -41.25 30.49
CA VAL B 459 -7.89 -42.68 30.28
C VAL B 459 -9.18 -43.34 30.73
N ILE B 460 -9.87 -43.99 29.81
CA ILE B 460 -11.13 -44.64 30.17
C ILE B 460 -11.13 -46.12 29.87
N ILE B 461 -12.23 -46.79 30.25
CA ILE B 461 -12.39 -48.20 29.96
C ILE B 461 -13.84 -48.45 29.61
N LYS B 462 -14.06 -49.27 28.60
CA LYS B 462 -15.40 -49.64 28.17
C LYS B 462 -15.47 -51.14 28.34
N ALA B 463 -16.62 -51.65 28.72
CA ALA B 463 -16.71 -53.09 28.90
C ALA B 463 -18.07 -53.66 28.53
N GLY B 464 -18.12 -54.98 28.39
CA GLY B 464 -19.35 -55.65 28.05
C GLY B 464 -19.22 -57.13 28.33
N LEU B 465 -20.35 -57.81 28.44
CA LEU B 465 -20.34 -59.25 28.69
C LEU B 465 -20.01 -59.96 27.38
N ASN B 466 -18.91 -60.71 27.36
CA ASN B 466 -18.49 -61.42 26.15
C ASN B 466 -19.02 -62.85 26.12
N SER B 467 -19.06 -63.50 27.27
CA SER B 467 -19.57 -64.87 27.35
C SER B 467 -19.99 -65.14 28.78
N THR B 468 -20.93 -66.06 28.96
CA THR B 468 -21.39 -66.37 30.30
C THR B 468 -21.85 -67.82 30.36
N GLY B 469 -21.73 -68.42 31.54
CA GLY B 469 -22.13 -69.79 31.75
C GLY B 469 -22.43 -70.03 33.22
N PRO B 470 -22.97 -71.20 33.57
CA PRO B 470 -23.30 -71.55 34.97
C PRO B 470 -22.15 -71.37 35.94
N ASN B 471 -20.91 -71.47 35.45
CA ASN B 471 -19.74 -71.35 36.31
C ASN B 471 -18.73 -70.27 35.91
N TYR B 472 -19.13 -69.29 35.10
CA TYR B 472 -18.15 -68.27 34.72
C TYR B 472 -18.70 -66.99 34.14
N THR B 473 -17.85 -65.97 34.12
CA THR B 473 -18.19 -64.69 33.53
C THR B 473 -16.97 -64.32 32.71
N GLU B 474 -17.20 -63.95 31.45
CA GLU B 474 -16.10 -63.51 30.59
C GLU B 474 -16.41 -62.09 30.15
N ILE B 475 -15.48 -61.17 30.42
CA ILE B 475 -15.63 -59.76 30.11
C ILE B 475 -14.76 -59.36 28.92
N LYS B 476 -15.27 -58.47 28.08
CA LYS B 476 -14.50 -57.82 27.04
C LYS B 476 -14.31 -56.41 27.48
N ALA B 477 -13.07 -56.01 27.69
CA ALA B 477 -12.82 -54.66 28.17
C ALA B 477 -11.87 -54.01 27.20
N VAL B 478 -12.02 -52.69 27.05
CA VAL B 478 -11.16 -51.92 26.16
C VAL B 478 -10.78 -50.64 26.85
N VAL B 479 -9.48 -50.47 27.06
CA VAL B 479 -8.91 -49.28 27.68
C VAL B 479 -8.57 -48.31 26.55
N TYR B 480 -8.88 -47.03 26.75
CA TYR B 480 -8.60 -46.00 25.74
C TYR B 480 -7.80 -44.84 26.33
N ASN B 481 -6.74 -44.48 25.63
CA ASN B 481 -5.90 -43.35 26.00
C ASN B 481 -6.48 -42.18 25.22
N GLN B 482 -7.13 -41.26 25.93
CA GLN B 482 -7.71 -40.06 25.31
C GLN B 482 -7.03 -38.84 25.94
N THR B 483 -5.75 -38.99 26.28
CA THR B 483 -4.99 -37.94 26.94
C THR B 483 -4.85 -36.67 26.10
N GLY B 484 -4.84 -35.52 26.77
CA GLY B 484 -4.71 -34.27 26.06
C GLY B 484 -4.08 -33.16 26.88
N TRP B 485 -3.90 -33.40 28.18
CA TRP B 485 -3.34 -32.39 29.08
C TRP B 485 -2.12 -32.85 29.89
N PRO B 486 -1.01 -33.17 29.21
CA PRO B 486 -0.82 -33.13 27.76
C PRO B 486 -1.05 -34.51 27.15
N ALA B 487 -1.12 -34.56 25.83
CA ALA B 487 -1.25 -35.84 25.14
C ALA B 487 0.03 -36.56 25.57
N ARG B 488 -0.07 -37.85 25.88
CA ARG B 488 1.09 -38.59 26.33
C ARG B 488 0.93 -40.10 26.22
N VAL B 489 2.08 -40.78 26.19
CA VAL B 489 2.12 -42.23 26.14
C VAL B 489 1.71 -42.68 27.55
N THR B 490 0.86 -43.71 27.66
CA THR B 490 0.47 -44.22 28.97
C THR B 490 0.91 -45.69 28.97
N ASP B 491 2.10 -45.93 29.52
CA ASP B 491 2.67 -47.27 29.55
C ASP B 491 2.68 -47.94 30.92
N LYS B 492 1.88 -47.43 31.85
CA LYS B 492 1.77 -47.98 33.20
C LYS B 492 0.31 -48.10 33.64
N ILE B 493 -0.55 -48.44 32.69
CA ILE B 493 -1.98 -48.57 32.96
C ILE B 493 -2.38 -49.99 33.36
N SER B 494 -3.30 -50.09 34.31
CA SER B 494 -3.80 -51.39 34.76
C SER B 494 -5.23 -51.17 35.21
N PHE B 495 -6.01 -52.23 35.33
CA PHE B 495 -7.38 -52.07 35.81
C PHE B 495 -7.79 -53.25 36.68
N LYS B 496 -8.82 -53.06 37.49
CA LYS B 496 -9.28 -54.09 38.41
C LYS B 496 -10.75 -54.43 38.24
N TYR B 497 -11.05 -55.72 38.25
CA TYR B 497 -12.42 -56.21 38.12
C TYR B 497 -12.79 -56.82 39.47
N PHE B 498 -13.72 -56.20 40.18
CA PHE B 498 -14.12 -56.66 41.51
C PHE B 498 -15.29 -57.62 41.57
N MET B 499 -15.17 -58.64 42.43
CA MET B 499 -16.20 -59.65 42.59
C MET B 499 -16.48 -59.91 44.08
N ASP B 500 -17.69 -60.33 44.37
CA ASP B 500 -18.05 -60.81 45.68
C ASP B 500 -18.06 -62.31 45.60
N LEU B 501 -17.14 -62.98 46.26
CA LEU B 501 -17.06 -64.43 46.14
C LEU B 501 -17.58 -65.16 47.36
N SER B 502 -18.52 -64.53 48.07
CA SER B 502 -19.11 -65.15 49.25
C SER B 502 -19.71 -66.50 48.87
N GLU B 503 -20.34 -66.60 47.70
CA GLU B 503 -20.92 -67.87 47.30
C GLU B 503 -19.90 -68.98 47.07
N ILE B 504 -18.67 -68.61 46.70
CA ILE B 504 -17.63 -69.60 46.45
C ILE B 504 -17.12 -70.11 47.81
N VAL B 505 -16.89 -69.18 48.72
CA VAL B 505 -16.45 -69.56 50.06
C VAL B 505 -17.48 -70.48 50.70
N ALA B 506 -18.75 -70.10 50.60
CA ALA B 506 -19.84 -70.89 51.22
C ALA B 506 -19.99 -72.28 50.61
N ALA B 507 -19.60 -72.43 49.34
CA ALA B 507 -19.70 -73.71 48.67
C ALA B 507 -18.53 -74.60 49.07
N GLY B 508 -17.62 -74.04 49.86
CA GLY B 508 -16.46 -74.78 50.31
C GLY B 508 -15.35 -74.83 49.28
N ILE B 509 -15.25 -73.78 48.46
CA ILE B 509 -14.22 -73.70 47.43
C ILE B 509 -13.29 -72.52 47.73
N ASP B 510 -11.98 -72.72 47.59
CA ASP B 510 -10.99 -71.68 47.83
C ASP B 510 -11.19 -70.54 46.83
N PRO B 511 -11.63 -69.35 47.28
CA PRO B 511 -11.83 -68.27 46.32
C PRO B 511 -10.57 -67.87 45.53
N LEU B 512 -9.40 -68.05 46.14
CA LEU B 512 -8.15 -67.68 45.47
C LEU B 512 -7.73 -68.77 44.47
N SER B 513 -8.51 -69.85 44.40
CA SER B 513 -8.20 -70.95 43.49
C SER B 513 -8.90 -70.86 42.14
N LEU B 514 -9.84 -69.91 41.99
CA LEU B 514 -10.56 -69.79 40.74
C LEU B 514 -9.64 -69.50 39.55
N VAL B 515 -9.90 -70.19 38.45
CA VAL B 515 -9.11 -70.06 37.22
C VAL B 515 -9.45 -68.79 36.46
N THR B 516 -8.43 -67.96 36.21
CA THR B 516 -8.62 -66.75 35.43
C THR B 516 -7.90 -66.99 34.11
N SER B 517 -8.44 -66.45 33.03
CA SER B 517 -7.85 -66.67 31.72
C SER B 517 -8.17 -65.57 30.74
N SER B 518 -7.47 -65.57 29.62
CA SER B 518 -7.70 -64.57 28.59
C SER B 518 -7.81 -65.21 27.21
N ASN B 519 -8.99 -65.08 26.64
CA ASN B 519 -9.32 -65.61 25.33
C ASN B 519 -8.66 -64.78 24.23
N TYR B 520 -8.52 -63.49 24.49
CA TYR B 520 -7.96 -62.57 23.50
C TYR B 520 -7.48 -61.29 24.15
N SER B 521 -6.44 -60.69 23.57
CA SER B 521 -5.95 -59.42 24.07
C SER B 521 -4.98 -58.83 23.07
N GLU B 522 -4.83 -57.51 23.14
CA GLU B 522 -3.90 -56.78 22.28
C GLU B 522 -2.71 -56.40 23.17
N GLY B 523 -1.50 -56.50 22.63
CA GLY B 523 -0.34 -56.14 23.42
C GLY B 523 0.41 -57.30 24.02
N LYS B 524 1.68 -57.39 23.66
CA LYS B 524 2.56 -58.46 24.11
C LYS B 524 2.72 -58.50 25.64
N ASN B 525 2.46 -57.37 26.30
CA ASN B 525 2.65 -57.29 27.74
C ASN B 525 1.45 -57.49 28.66
N THR B 526 0.25 -57.51 28.08
CA THR B 526 -0.96 -57.66 28.89
C THR B 526 -0.90 -58.88 29.78
N LYS B 527 -1.18 -58.69 31.08
CA LYS B 527 -1.15 -59.79 32.03
C LYS B 527 -2.39 -59.81 32.93
N VAL B 528 -3.06 -60.96 32.98
CA VAL B 528 -4.26 -61.12 33.82
C VAL B 528 -3.87 -61.93 35.03
N SER B 529 -4.05 -61.35 36.21
CA SER B 529 -3.68 -62.03 37.45
C SER B 529 -4.68 -63.12 37.81
N GLY B 530 -4.32 -63.89 38.82
CA GLY B 530 -5.29 -64.82 39.37
C GLY B 530 -6.19 -64.04 40.31
N VAL B 531 -7.10 -64.67 40.99
CA VAL B 531 -7.97 -63.95 41.90
C VAL B 531 -7.15 -63.45 43.10
N LEU B 532 -7.31 -62.18 43.45
CA LEU B 532 -6.58 -61.59 44.56
C LEU B 532 -7.55 -61.00 45.59
N PRO B 533 -7.17 -61.01 46.88
CA PRO B 533 -8.07 -60.46 47.89
C PRO B 533 -8.05 -58.93 47.93
N TRP B 534 -9.20 -58.31 48.19
CA TRP B 534 -9.31 -56.86 48.28
C TRP B 534 -9.77 -56.52 49.70
N ASP B 535 -10.90 -57.09 50.09
CA ASP B 535 -11.46 -56.90 51.42
C ASP B 535 -12.02 -58.27 51.82
N VAL B 536 -11.14 -59.15 52.30
CA VAL B 536 -11.55 -60.50 52.68
C VAL B 536 -12.70 -60.59 53.68
N SER B 537 -12.67 -59.77 54.71
CA SER B 537 -13.73 -59.81 55.71
C SER B 537 -15.10 -59.65 55.06
N ASN B 538 -15.13 -59.02 53.89
CA ASN B 538 -16.39 -58.83 53.18
C ASN B 538 -16.47 -59.62 51.88
N ASN B 539 -15.58 -60.61 51.75
CA ASN B 539 -15.54 -61.48 50.57
C ASN B 539 -15.35 -60.77 49.23
N VAL B 540 -14.65 -59.65 49.24
CA VAL B 540 -14.43 -58.92 48.00
C VAL B 540 -13.04 -59.27 47.47
N TYR B 541 -13.00 -59.74 46.22
CA TYR B 541 -11.74 -60.11 45.58
C TYR B 541 -11.70 -59.44 44.21
N TYR B 542 -10.57 -59.54 43.53
CA TYR B 542 -10.49 -58.93 42.22
C TYR B 542 -9.47 -59.59 41.33
N VAL B 543 -9.55 -59.25 40.05
CA VAL B 543 -8.63 -59.72 39.06
C VAL B 543 -7.94 -58.46 38.56
N ASN B 544 -6.62 -58.49 38.49
CA ASN B 544 -5.82 -57.37 38.04
C ASN B 544 -5.39 -57.58 36.60
N VAL B 545 -5.63 -56.59 35.74
CA VAL B 545 -5.21 -56.70 34.34
C VAL B 545 -4.18 -55.58 34.17
N ASP B 546 -2.94 -55.99 33.93
CA ASP B 546 -1.82 -55.06 33.80
C ASP B 546 -1.45 -54.83 32.34
N LEU B 547 -1.33 -53.57 31.95
CA LEU B 547 -0.95 -53.22 30.58
C LEU B 547 0.40 -52.51 30.58
N THR B 548 1.07 -52.52 31.74
CA THR B 548 2.36 -51.88 31.88
C THR B 548 3.29 -52.38 30.78
N GLY B 549 4.00 -51.45 30.14
CA GLY B 549 4.89 -51.85 29.07
C GLY B 549 4.27 -51.58 27.70
N GLU B 550 2.94 -51.50 27.66
CA GLU B 550 2.26 -51.22 26.39
C GLU B 550 2.38 -49.74 26.08
N ASN B 551 2.85 -49.42 24.89
CA ASN B 551 2.99 -48.02 24.55
C ASN B 551 1.72 -47.51 23.89
N ILE B 552 0.74 -47.23 24.73
CA ILE B 552 -0.54 -46.74 24.28
C ILE B 552 -0.43 -45.23 24.17
N TYR B 553 -0.81 -44.68 23.03
CA TYR B 553 -0.72 -43.23 22.85
C TYR B 553 -1.87 -42.75 21.98
N PRO B 554 -2.28 -41.49 22.14
CA PRO B 554 -3.39 -40.90 21.37
C PRO B 554 -2.98 -40.53 19.94
N GLY B 555 -2.68 -41.53 19.13
CA GLY B 555 -2.27 -41.27 17.76
C GLY B 555 -2.85 -42.21 16.71
N GLY B 556 -4.00 -42.81 17.01
CA GLY B 556 -4.63 -43.71 16.06
C GLY B 556 -5.60 -44.65 16.75
N GLN B 557 -6.46 -45.31 15.99
CA GLN B 557 -7.45 -46.22 16.57
C GLN B 557 -6.77 -47.37 17.32
N SER B 558 -5.81 -48.03 16.68
CA SER B 558 -5.10 -49.13 17.33
C SER B 558 -4.15 -48.60 18.40
N ALA B 559 -3.50 -47.49 18.10
CA ALA B 559 -2.55 -46.85 19.01
C ALA B 559 -3.09 -46.48 20.39
N CYS B 560 -4.26 -45.85 20.40
CA CYS B 560 -4.85 -45.38 21.66
C CYS B 560 -5.58 -46.44 22.48
N ARG B 561 -5.67 -47.66 21.98
CA ARG B 561 -6.44 -48.68 22.71
C ARG B 561 -5.81 -50.05 22.90
N ARG B 562 -6.35 -50.78 23.87
CA ARG B 562 -5.93 -52.14 24.14
C ARG B 562 -7.16 -52.90 24.62
N GLU B 563 -7.58 -53.90 23.85
CA GLU B 563 -8.72 -54.72 24.22
C GLU B 563 -8.20 -55.93 24.98
N VAL B 564 -8.92 -56.33 26.03
CA VAL B 564 -8.54 -57.47 26.83
C VAL B 564 -9.79 -58.25 27.21
N GLN B 565 -9.82 -59.52 26.85
CA GLN B 565 -10.96 -60.36 27.22
C GLN B 565 -10.45 -61.25 28.35
N PHE B 566 -11.19 -61.30 29.46
CA PHE B 566 -10.77 -62.12 30.57
C PHE B 566 -11.97 -62.83 31.18
N ARG B 567 -11.69 -63.99 31.77
CA ARG B 567 -12.72 -64.83 32.37
C ARG B 567 -12.32 -65.31 33.76
N ILE B 568 -13.32 -65.48 34.63
CA ILE B 568 -13.10 -65.99 35.98
C ILE B 568 -14.09 -67.14 36.04
N ALA B 569 -13.62 -68.33 36.42
CA ALA B 569 -14.51 -69.49 36.48
C ALA B 569 -14.52 -70.26 37.78
N ALA B 570 -15.71 -70.73 38.15
CA ALA B 570 -15.91 -71.57 39.33
C ALA B 570 -15.65 -72.98 38.79
N PRO B 571 -15.63 -74.01 39.65
CA PRO B 571 -15.37 -75.35 39.10
C PRO B 571 -16.35 -75.78 38.02
N GLN B 572 -15.80 -76.50 37.07
CA GLN B 572 -16.56 -77.02 35.95
C GLN B 572 -17.75 -77.82 36.48
N GLY B 573 -18.90 -77.66 35.84
CA GLY B 573 -20.10 -78.40 36.25
C GLY B 573 -20.90 -77.82 37.40
N THR B 574 -20.37 -76.82 38.10
CA THR B 574 -21.08 -76.22 39.23
C THR B 574 -22.01 -75.10 38.77
N THR B 575 -22.98 -74.74 39.62
CA THR B 575 -23.94 -73.70 39.27
C THR B 575 -24.19 -72.63 40.33
N TYR B 576 -23.26 -72.46 41.28
CA TYR B 576 -23.44 -71.47 42.32
C TYR B 576 -22.76 -70.11 42.07
N TRP B 577 -21.89 -70.05 41.06
CA TRP B 577 -21.23 -68.80 40.68
C TRP B 577 -22.32 -67.75 40.56
N ASN B 578 -22.16 -66.61 41.24
CA ASN B 578 -23.17 -65.55 41.17
C ASN B 578 -22.52 -64.21 40.83
N PRO B 579 -22.60 -63.81 39.56
CA PRO B 579 -21.99 -62.53 39.17
C PRO B 579 -22.81 -61.32 39.59
N LYS B 580 -24.07 -61.56 39.97
CA LYS B 580 -24.95 -60.47 40.36
C LYS B 580 -24.58 -59.71 41.62
N ASN B 581 -23.74 -60.30 42.48
CA ASN B 581 -23.32 -59.56 43.67
C ASN B 581 -21.90 -59.05 43.51
N ASP B 582 -21.39 -59.08 42.27
CA ASP B 582 -20.04 -58.61 41.97
C ASP B 582 -20.10 -57.11 41.63
N PHE B 583 -19.32 -56.31 42.33
CA PHE B 583 -19.30 -54.86 42.11
C PHE B 583 -19.14 -54.47 40.64
N SER B 584 -18.13 -55.04 39.99
CA SER B 584 -17.84 -54.73 38.60
C SER B 584 -18.83 -55.26 37.56
N TYR B 585 -19.75 -56.10 37.97
CA TYR B 585 -20.72 -56.73 37.06
C TYR B 585 -22.00 -55.88 37.00
N ASP B 586 -22.27 -55.08 38.04
CA ASP B 586 -23.47 -54.27 38.11
C ASP B 586 -23.64 -53.32 36.92
N GLY B 587 -24.78 -53.44 36.25
CA GLY B 587 -25.07 -52.57 35.13
C GLY B 587 -24.17 -52.84 33.94
N LEU B 588 -23.27 -53.81 34.07
CA LEU B 588 -22.37 -54.15 32.97
C LEU B 588 -23.19 -54.33 31.70
N PRO B 589 -22.78 -53.69 30.61
CA PRO B 589 -23.52 -53.82 29.35
C PRO B 589 -23.70 -55.27 28.90
N THR B 590 -24.93 -55.67 28.63
CA THR B 590 -25.18 -57.01 28.15
C THR B 590 -24.59 -57.02 26.76
N THR B 591 -24.36 -58.20 26.20
CA THR B 591 -23.77 -58.31 24.86
C THR B 591 -22.35 -57.77 24.89
N SER B 592 -21.57 -58.07 23.85
CA SER B 592 -20.19 -57.62 23.80
C SER B 592 -20.04 -56.19 23.28
N THR B 593 -21.16 -55.51 23.07
CA THR B 593 -21.12 -54.12 22.59
C THR B 593 -20.73 -53.26 23.79
N VAL B 594 -19.43 -53.11 23.99
CA VAL B 594 -18.91 -52.37 25.12
C VAL B 594 -19.35 -50.92 25.21
N ASN B 595 -19.54 -50.48 26.45
CA ASN B 595 -19.94 -49.12 26.76
C ASN B 595 -19.04 -48.70 27.93
N THR B 596 -18.79 -47.41 28.06
CA THR B 596 -17.96 -46.91 29.14
C THR B 596 -18.57 -47.33 30.49
N VAL B 597 -17.73 -47.84 31.40
CA VAL B 597 -18.22 -48.23 32.71
C VAL B 597 -17.39 -47.54 33.79
N THR B 598 -17.98 -47.36 34.97
CA THR B 598 -17.28 -46.69 36.05
C THR B 598 -16.97 -47.59 37.26
N ASN B 599 -17.29 -48.87 37.15
CA ASN B 599 -17.04 -49.82 38.24
C ASN B 599 -15.90 -50.82 37.97
N ILE B 600 -15.11 -50.56 36.97
CA ILE B 600 -13.89 -51.29 36.66
C ILE B 600 -12.77 -50.28 36.59
N PRO B 601 -12.38 -49.79 37.78
CA PRO B 601 -11.36 -48.74 37.93
C PRO B 601 -10.04 -48.95 37.21
N VAL B 602 -9.56 -47.87 36.60
CA VAL B 602 -8.32 -47.85 35.85
C VAL B 602 -7.26 -47.08 36.65
N TYR B 603 -6.05 -47.63 36.71
CA TYR B 603 -4.95 -47.02 37.48
C TYR B 603 -3.80 -46.67 36.55
N ASP B 604 -3.14 -45.57 36.88
CA ASP B 604 -1.99 -45.11 36.09
C ASP B 604 -0.84 -45.12 37.09
N ASN B 605 0.08 -46.06 36.89
CA ASN B 605 1.21 -46.26 37.80
C ASN B 605 0.70 -46.48 39.22
N GLY B 606 -0.38 -47.26 39.34
CA GLY B 606 -0.92 -47.55 40.65
C GLY B 606 -1.89 -46.54 41.23
N VAL B 607 -2.04 -45.40 40.57
CA VAL B 607 -2.94 -44.36 41.05
C VAL B 607 -4.25 -44.43 40.30
N LYS B 608 -5.36 -44.59 41.00
CA LYS B 608 -6.66 -44.65 40.35
C LYS B 608 -6.93 -43.33 39.63
N VAL B 609 -7.28 -43.42 38.35
CA VAL B 609 -7.56 -42.22 37.57
C VAL B 609 -8.96 -42.21 36.99
N PHE B 610 -9.60 -43.38 36.89
CA PHE B 610 -10.95 -43.46 36.35
C PHE B 610 -11.75 -44.57 37.01
N GLY B 611 -13.03 -44.30 37.25
CA GLY B 611 -13.88 -45.31 37.85
C GLY B 611 -13.85 -45.32 39.36
N ASN B 612 -14.57 -46.26 39.97
CA ASN B 612 -14.65 -46.35 41.42
C ASN B 612 -14.32 -47.74 41.96
N GLU B 613 -13.97 -47.80 43.23
CA GLU B 613 -13.67 -49.07 43.88
C GLU B 613 -14.90 -49.36 44.76
N PRO B 614 -15.08 -50.62 45.20
CA PRO B 614 -16.23 -50.97 46.04
C PRO B 614 -16.40 -50.01 47.23
C1 GS1 C . 4.09 31.68 -10.97
S1 GS1 C . 2.81 31.04 -9.83
C2 GS1 C . 4.46 33.11 -10.57
O2 GS1 C . 3.35 33.95 -10.74
C3 GS1 C . 5.61 33.61 -11.44
O3 GS1 C . 6.05 34.85 -10.96
C4 GS1 C . 6.78 32.62 -11.46
O4 GS1 C . 7.74 33.04 -12.45
C5 GS1 C . 6.27 31.21 -11.79
O5 GS1 C . 5.23 30.83 -10.88
C6 GS1 C . 7.36 30.16 -11.67
O6 GS1 C . 8.35 30.34 -12.67
C1 SGC C . 9.04 33.27 -12.00
C2 SGC C . 9.91 33.74 -13.17
O2 SGC C . 10.00 32.75 -14.15
C3 SGC C . 11.31 34.09 -12.66
O3 SGC C . 12.08 34.60 -13.73
C4 SGC C . 11.22 35.14 -11.55
C5 SGC C . 10.29 34.61 -10.45
O5 SGC C . 8.99 34.29 -11.00
C6 SGC C . 10.07 35.62 -9.34
O6 SGC C . 9.24 36.68 -9.80
S4 SGC C . 12.85 35.58 -10.87
C2 BGC C . 14.28 37.96 -11.14
C3 BGC C . 14.71 39.14 -12.03
C4 BGC C . 15.11 38.65 -13.41
C5 BGC C . 13.94 37.86 -14.00
C6 BGC C . 14.20 37.35 -15.42
C1 BGC C . 13.23 37.07 -11.84
O2 BGC C . 13.75 38.46 -9.95
O3 BGC C . 15.79 39.82 -11.43
O4 BGC C . 15.43 39.76 -14.26
O5 BGC C . 13.66 36.72 -13.17
O6 BGC C . 15.35 36.50 -15.47
C1 SGC C . 16.64 39.69 -14.92
C2 SGC C . 16.67 40.70 -16.07
O2 SGC C . 15.68 40.38 -16.99
C3 SGC C . 18.04 40.68 -16.75
O3 SGC C . 18.10 41.66 -17.74
C4 SGC C . 19.14 40.91 -15.71
C5 SGC C . 19.01 39.84 -14.61
O5 SGC C . 17.70 39.96 -13.99
C6 SGC C . 20.06 39.94 -13.52
O6 SGC C . 19.83 41.05 -12.66
S4 SGC C . 20.80 40.90 -16.45
C1 GS1 D . 1.32 -25.27 5.87
S1 GS1 D . 0.52 -26.83 6.31
C2 GS1 D . 2.17 -25.40 4.59
O2 GS1 D . 3.21 -26.28 4.82
C3 GS1 D . 2.72 -24.04 4.16
O3 GS1 D . 3.33 -24.15 2.90
C4 GS1 D . 1.62 -22.99 4.10
O4 GS1 D . 2.19 -21.69 3.83
C5 GS1 D . 0.83 -22.96 5.42
O5 GS1 D . 0.29 -24.27 5.70
C6 GS1 D . -0.34 -22.00 5.39
O6 GS1 D . 0.11 -20.66 5.24
C1 SGC D . 1.76 -21.04 2.67
C2 SGC D . 2.30 -19.61 2.63
O2 SGC D . 1.87 -18.90 3.75
C3 SGC D . 1.78 -18.95 1.35
O3 SGC D . 2.30 -17.65 1.24
C4 SGC D . 2.18 -19.76 0.12
C5 SGC D . 1.77 -21.24 0.30
O5 SGC D . 2.26 -21.77 1.55
C6 SGC D . 2.32 -22.12 -0.80
O6 SGC D . 3.73 -22.25 -0.69
S4 SGC D . 1.47 -19.05 -1.40
C2 BGC D . 2.70 -17.76 -3.53
C3 BGC D . 3.89 -16.96 -4.06
C4 BGC D . 4.25 -15.82 -3.10
C5 BGC D . 4.47 -16.39 -1.69
C6 BGC D . 4.81 -15.32 -0.67
C1 BGC D . 2.93 -18.20 -2.06
O2 BGC D . 2.52 -18.89 -4.32
O3 BGC D . 3.59 -16.44 -5.32
O4 BGC D . 5.43 -15.15 -3.56
O5 BGC D . 3.28 -17.06 -1.24
O6 BGC D . 3.83 -14.31 -0.63
C1 SGC D . 5.30 -13.80 -3.80
C2 SGC D . 6.68 -13.13 -3.81
O2 SGC D . 7.27 -13.28 -2.56
C3 SGC D . 6.52 -11.65 -4.14
O3 SGC D . 7.79 -11.06 -4.23
C4 SGC D . 5.78 -11.49 -5.48
C5 SGC D . 4.44 -12.24 -5.41
O5 SGC D . 4.67 -13.63 -5.09
C6 SGC D . 3.68 -12.21 -6.72
O6 SGC D . 4.50 -12.63 -7.80
S4 SGC D . 5.54 -9.74 -5.95
CA CA E . -38.42 -2.86 5.89
CA CA F . 12.28 43.26 -21.56
MG MG G . 5.94 10.94 -4.42
MG MG H . -37.23 -7.87 0.22
MG MG I . -17.00 24.26 -27.17
C TRS J . 10.10 40.04 -10.31
C1 TRS J . 10.53 41.48 -9.85
C2 TRS J . 10.35 40.17 -11.84
C3 TRS J . 8.59 39.74 -10.14
N TRS J . 10.97 39.16 -9.61
O1 TRS J . 10.38 41.37 -8.41
O2 TRS J . 10.70 38.86 -12.32
O3 TRS J . 7.68 40.84 -10.46
C1 GOL K . 3.61 16.03 -2.88
O1 GOL K . 4.77 16.75 -2.63
C2 GOL K . 3.30 15.28 -1.62
O2 GOL K . 2.75 13.98 -2.03
C3 GOL K . 2.23 16.06 -0.78
O3 GOL K . 1.11 15.14 -0.78
C1 GOL L . 7.78 49.56 -13.78
O1 GOL L . 7.77 50.87 -14.25
C2 GOL L . 6.75 48.84 -14.60
O2 GOL L . 5.54 48.74 -13.76
C3 GOL L . 7.27 47.38 -14.94
O3 GOL L . 6.31 46.52 -14.28
CA CA M . -20.31 -63.36 43.11
CA CA N . 13.30 -13.58 -0.18
NI NI O . -18.39 -25.44 15.20
MG MG P . 12.34 -30.56 30.70
MG MG Q . 9.41 3.46 19.85
C1 GOL R . -14.96 -28.38 12.26
O1 GOL R . -14.83 -28.20 10.89
C2 GOL R . -16.03 -29.44 12.42
O2 GOL R . -16.36 -29.49 13.85
C3 GOL R . -15.45 -30.83 11.96
O3 GOL R . -15.51 -31.60 13.17
C1 GOL S . 25.61 -7.97 -5.22
O1 GOL S . 24.43 -7.44 -5.71
C2 GOL S . 26.51 -6.78 -4.98
O2 GOL S . 27.74 -7.02 -5.74
C3 GOL S . 26.87 -6.69 -3.47
O3 GOL S . 28.30 -6.85 -3.49
#